data_6RRN
#
_entry.id   6RRN
#
_cell.length_a   88.710
_cell.length_b   90.386
_cell.length_c   130.274
_cell.angle_alpha   90.000
_cell.angle_beta   90.000
_cell.angle_gamma   90.000
#
_symmetry.space_group_name_H-M   'P 21 21 21'
#
loop_
_entity.id
_entity.type
_entity.pdbx_description
1 polymer 'Alpha-mannosidase 2'
2 non-polymer 1,2-ETHANEDIOL
3 non-polymer 'SUCCINIC ACID'
4 non-polymer (2~{S},3~{R},4~{S},5~{R})-5-(hydroxymethyl)-3,4-bis(oxidanyl)-~{N}-pentyl-pyrrolidine-2-carboxamide
5 non-polymer 'ZINC ION'
6 water water
#
_entity_poly.entity_id   1
_entity_poly.type   'polypeptide(L)'
_entity_poly.pdbx_seq_one_letter_code
;DDPIRPPLKVARSPRPGQCQDVVQDVPNVDVQMLELYDRMSFKDIDGGVWKQGWNIKYDPLKYNAHHKLKVFVVPHSHND
PGWIQTFEEYYQHDTKHILSNALRHLHDNPEMKFIWAEISYFARFYHDLGENKKLQMKSIVKNGQLEFVTGGWVMPDEAN
SHWRNVLLQLTEGQTWLKQFMNVTPTASWAIDPFGHSPTMPYILQKSGFKNMLIQRTHYSVKKELAQQRQLEFLWRQIWD
NKGDTALFTHMMPFYSYDIPHTCGPDPKVCCQFDFKRMGSFGLSCPWKVPPRTISDQNVAARSDLLVDQWKKKAELYRTN
VLLIPLGDDFRFKQNTEWDVQRVNYERLFEHINSQAHFNVQAQFGTLQEYFDAVHQAERAGQAEFPTLSGDFFTYADRSD
NYWSGYYTSRPYHKRMDRVLMHYVRAAEMLSAWHSWDGMARIEERLEQARRELSLFQHHDGITGTAKTHVVVDYEQRMQE
ALKACQMVMQQSVYRLLTKPSIYSPDFSFSYFTLDDSRWPGSGVEDSRTTIILGEDILPSKHVVMHNTLPHWREQLVDFY
VSSPFVSVTDLANNPVEAQVSPVWSWHHDTLTKTIHPQGSTTKYRIIFKARVPPMGLATYVLTISDSKPEHTSYASNLLL
RKNPTSLPLGQYPEDVKFGDPREISLRVGNGPTLAFSEQGLLKSIQLTQDSPHVPVHFKFLKYGVRSHGDRSGAYLFLPN
GPASPVELGQPVVLVTKGKLESSVSVGLPSVVHQTIMRGGAPEIRNLVDIGSLDNTEIVMRLETHIDSGDIFYTDLNGLQ
FIKRRRLDKLPLQANYYPIPSGMFIEDANTRLTLLTGQPLGGSSLASGELEIMQDRRLASDDERGLGQGVLDNKPVLHIY
RLVLEKVNNCVRPSELHPAGYLTSAAHKASQSLLDPLDKFIFAENEWIGAQGQFGGDHPSAREDLDVSVMRRLTKSSAKT
QRVGYVLHRTNLMQCGTPEEHTQKLDVCHLLPNVARCERTTLTFLQNLEHLDGMVAPEVCPMETAAYVSSHSS
;
_entity_poly.pdbx_strand_id   A
#
# COMPACT_ATOMS: atom_id res chain seq x y z
N CYS A 19 22.43 9.49 -15.25
CA CYS A 19 21.03 9.43 -14.74
C CYS A 19 20.20 10.56 -15.32
N GLN A 20 18.92 10.32 -15.60
CA GLN A 20 17.94 11.37 -15.96
C GLN A 20 17.85 12.41 -14.86
N ASP A 21 17.67 13.67 -15.22
CA ASP A 21 17.30 14.78 -14.30
C ASP A 21 15.78 14.77 -14.14
N VAL A 22 15.27 14.50 -12.93
CA VAL A 22 13.80 14.37 -12.71
C VAL A 22 13.23 15.66 -12.13
N VAL A 23 13.98 16.77 -12.22
CA VAL A 23 13.57 18.07 -11.59
C VAL A 23 13.43 19.12 -12.70
N GLN A 24 14.50 19.33 -13.47
CA GLN A 24 14.54 20.42 -14.48
C GLN A 24 13.86 19.99 -15.77
N ASP A 25 13.87 18.69 -16.06
CA ASP A 25 13.36 18.12 -17.33
C ASP A 25 11.92 17.63 -17.08
N VAL A 26 10.98 17.94 -17.98
CA VAL A 26 9.53 17.54 -17.86
C VAL A 26 9.25 16.57 -18.99
N PRO A 27 8.74 15.33 -18.74
CA PRO A 27 8.43 14.44 -19.87
C PRO A 27 7.36 14.96 -20.83
N ASN A 28 7.51 14.54 -22.08
CA ASN A 28 6.55 14.78 -23.18
C ASN A 28 5.66 13.56 -23.24
N VAL A 29 4.40 13.70 -22.86
CA VAL A 29 3.46 12.55 -23.04
C VAL A 29 2.25 13.03 -23.83
N ASP A 30 1.59 12.12 -24.52
CA ASP A 30 0.35 12.44 -25.27
C ASP A 30 -0.74 12.82 -24.28
N VAL A 31 -0.85 12.07 -23.17
CA VAL A 31 -1.93 12.30 -22.17
C VAL A 31 -1.24 12.44 -20.81
N GLN A 32 -1.32 13.62 -20.22
CA GLN A 32 -0.80 13.90 -18.87
C GLN A 32 -2.05 14.08 -17.99
N MET A 33 -2.31 13.21 -17.04
CA MET A 33 -3.65 13.19 -16.40
C MET A 33 -4.04 14.49 -15.68
N LEU A 34 -3.11 15.21 -15.06
CA LEU A 34 -3.44 16.50 -14.42
C LEU A 34 -3.99 17.44 -15.50
N GLU A 35 -3.35 17.47 -16.67
CA GLU A 35 -3.78 18.36 -17.79
C GLU A 35 -5.15 17.89 -18.27
N LEU A 36 -5.33 16.56 -18.40
CA LEU A 36 -6.64 16.04 -18.85
C LEU A 36 -7.74 16.49 -17.90
N TYR A 37 -7.55 16.37 -16.61
CA TYR A 37 -8.63 16.71 -15.64
C TYR A 37 -8.96 18.20 -15.77
N ASP A 38 -7.96 19.02 -16.00
CA ASP A 38 -8.18 20.49 -16.11
C ASP A 38 -9.05 20.77 -17.34
N ARG A 39 -8.88 20.02 -18.41
CA ARG A 39 -9.60 20.28 -19.69
C ARG A 39 -10.96 19.63 -19.70
N MET A 40 -11.15 18.56 -18.94
CA MET A 40 -12.41 17.78 -18.98
CA MET A 40 -12.41 17.78 -18.95
C MET A 40 -13.55 18.54 -18.27
N SER A 41 -14.76 18.43 -18.83
CA SER A 41 -15.99 19.01 -18.21
C SER A 41 -16.56 18.07 -17.15
N PHE A 42 -16.34 16.77 -17.27
CA PHE A 42 -16.87 15.75 -16.32
C PHE A 42 -18.41 15.76 -16.30
N LYS A 43 -19.00 16.19 -17.41
CA LYS A 43 -20.48 16.23 -17.55
C LYS A 43 -21.02 14.80 -17.61
N ASP A 44 -21.97 14.51 -16.76
CA ASP A 44 -22.63 13.19 -16.61
C ASP A 44 -23.84 13.14 -17.57
N ILE A 45 -23.55 13.10 -18.86
CA ILE A 45 -24.54 13.05 -19.97
C ILE A 45 -25.07 11.62 -20.15
N ASP A 46 -26.37 11.48 -20.45
CA ASP A 46 -26.98 10.19 -20.83
C ASP A 46 -26.52 9.87 -22.26
N GLY A 47 -25.71 8.81 -22.44
CA GLY A 47 -25.16 8.48 -23.77
C GLY A 47 -26.00 7.45 -24.53
N GLY A 48 -27.10 7.00 -23.96
CA GLY A 48 -27.97 5.94 -24.52
C GLY A 48 -27.73 4.60 -23.87
N VAL A 49 -27.73 3.54 -24.68
CA VAL A 49 -27.56 2.16 -24.15
C VAL A 49 -26.20 2.08 -23.43
N TRP A 50 -25.18 2.73 -24.00
CA TRP A 50 -23.89 2.97 -23.29
C TRP A 50 -24.09 4.25 -22.47
N LYS A 51 -24.56 4.09 -21.23
CA LYS A 51 -25.16 5.20 -20.43
C LYS A 51 -24.11 6.32 -20.30
N GLN A 52 -22.83 5.95 -20.09
CA GLN A 52 -21.75 6.93 -19.85
C GLN A 52 -20.84 7.15 -21.05
N GLY A 53 -21.27 6.75 -22.24
CA GLY A 53 -20.54 6.96 -23.50
C GLY A 53 -21.42 7.56 -24.55
N TRP A 54 -21.43 6.96 -25.72
CA TRP A 54 -22.25 7.50 -26.84
C TRP A 54 -22.64 6.33 -27.73
N ASN A 55 -23.53 6.57 -28.72
CA ASN A 55 -23.94 5.49 -29.63
C ASN A 55 -22.82 5.31 -30.66
N ILE A 56 -22.07 4.24 -30.47
CA ILE A 56 -20.90 3.95 -31.31
C ILE A 56 -21.38 3.56 -32.71
N LYS A 57 -20.74 4.12 -33.71
CA LYS A 57 -20.95 3.76 -35.13
C LYS A 57 -19.67 3.18 -35.70
N TYR A 58 -19.82 2.18 -36.57
CA TYR A 58 -18.70 1.69 -37.39
C TYR A 58 -19.15 1.60 -38.86
N ASP A 59 -18.14 1.75 -39.69
CA ASP A 59 -18.20 1.60 -41.16
C ASP A 59 -18.11 0.10 -41.44
N PRO A 60 -19.19 -0.54 -41.89
CA PRO A 60 -19.17 -1.99 -42.12
C PRO A 60 -18.10 -2.43 -43.14
N LEU A 61 -17.65 -1.51 -44.01
CA LEU A 61 -16.67 -1.79 -45.10
C LEU A 61 -15.24 -1.78 -44.56
N LYS A 62 -15.05 -1.36 -43.30
CA LYS A 62 -13.76 -1.41 -42.56
C LYS A 62 -13.23 -2.84 -42.61
N TYR A 63 -14.14 -3.81 -42.44
CA TYR A 63 -13.80 -5.26 -42.42
C TYR A 63 -14.16 -5.87 -43.76
N ASN A 64 -13.25 -6.67 -44.27
CA ASN A 64 -13.38 -7.28 -45.61
C ASN A 64 -12.44 -8.48 -45.58
N ALA A 65 -12.34 -9.24 -46.66
CA ALA A 65 -11.49 -10.46 -46.75
C ALA A 65 -10.02 -10.11 -46.48
N HIS A 66 -9.62 -8.85 -46.70
CA HIS A 66 -8.22 -8.36 -46.56
C HIS A 66 -7.94 -7.87 -45.12
N HIS A 67 -8.97 -7.46 -44.35
CA HIS A 67 -8.84 -6.91 -42.97
C HIS A 67 -9.95 -7.46 -42.06
N LYS A 68 -9.67 -8.53 -41.32
CA LYS A 68 -10.65 -9.23 -40.48
C LYS A 68 -10.50 -8.74 -39.03
N LEU A 69 -11.53 -8.93 -38.23
CA LEU A 69 -11.47 -8.64 -36.78
C LEU A 69 -11.12 -9.96 -36.10
N LYS A 70 -10.05 -9.94 -35.29
CA LYS A 70 -9.57 -11.13 -34.55
C LYS A 70 -10.03 -10.95 -33.10
N VAL A 71 -10.87 -11.84 -32.63
CA VAL A 71 -11.59 -11.69 -31.34
C VAL A 71 -11.15 -12.80 -30.40
N PHE A 72 -10.64 -12.43 -29.24
CA PHE A 72 -10.25 -13.35 -28.15
C PHE A 72 -11.23 -13.22 -27.00
N VAL A 73 -11.96 -14.29 -26.77
CA VAL A 73 -12.89 -14.41 -25.63
C VAL A 73 -12.08 -15.09 -24.54
N VAL A 74 -11.93 -14.39 -23.44
CA VAL A 74 -10.97 -14.76 -22.33
C VAL A 74 -11.76 -15.09 -21.10
N PRO A 75 -12.06 -16.36 -20.84
CA PRO A 75 -12.82 -16.75 -19.66
C PRO A 75 -12.01 -16.51 -18.37
N HIS A 76 -12.71 -16.01 -17.36
CA HIS A 76 -12.05 -15.62 -16.11
C HIS A 76 -13.03 -15.78 -14.96
N SER A 77 -12.49 -15.71 -13.77
CA SER A 77 -13.29 -15.82 -12.55
C SER A 77 -12.68 -14.94 -11.49
N HIS A 78 -13.39 -13.88 -11.07
CA HIS A 78 -12.85 -12.94 -10.08
C HIS A 78 -13.05 -13.51 -8.68
N ASN A 79 -11.93 -13.86 -8.02
CA ASN A 79 -11.95 -14.52 -6.71
C ASN A 79 -11.37 -13.53 -5.71
N ASP A 80 -12.19 -13.09 -4.78
CA ASP A 80 -11.75 -12.20 -3.70
C ASP A 80 -11.18 -12.99 -2.53
N PRO A 81 -9.89 -12.80 -2.16
CA PRO A 81 -9.30 -13.42 -0.98
C PRO A 81 -9.81 -12.77 0.32
N GLY A 82 -11.11 -12.96 0.57
CA GLY A 82 -11.84 -12.31 1.67
C GLY A 82 -12.63 -11.13 1.19
N TRP A 83 -13.89 -11.03 1.59
CA TRP A 83 -14.75 -9.84 1.34
C TRP A 83 -16.05 -10.03 2.15
N ILE A 84 -17.02 -10.75 1.60
CA ILE A 84 -18.27 -11.11 2.34
C ILE A 84 -18.00 -12.33 3.20
N GLN A 85 -17.04 -13.19 2.80
CA GLN A 85 -16.61 -14.40 3.54
C GLN A 85 -15.11 -14.26 3.76
N THR A 86 -14.57 -15.06 4.65
CA THR A 86 -13.11 -15.11 4.85
C THR A 86 -12.44 -15.83 3.68
N PHE A 87 -11.12 -15.69 3.60
CA PHE A 87 -10.30 -16.45 2.63
C PHE A 87 -10.67 -17.95 2.70
N GLU A 88 -10.62 -18.50 3.91
CA GLU A 88 -10.85 -19.98 4.07
C GLU A 88 -12.30 -20.32 3.76
N GLU A 89 -13.28 -19.48 4.12
CA GLU A 89 -14.70 -19.71 3.78
C GLU A 89 -14.89 -19.76 2.25
N TYR A 90 -14.44 -18.75 1.50
CA TYR A 90 -14.54 -18.74 0.05
C TYR A 90 -13.75 -19.93 -0.51
N TYR A 91 -12.60 -20.28 0.05
CA TYR A 91 -11.77 -21.37 -0.52
C TYR A 91 -12.62 -22.66 -0.43
N GLN A 92 -13.24 -22.91 0.72
CA GLN A 92 -13.96 -24.19 0.98
C GLN A 92 -15.28 -24.20 0.21
N HIS A 93 -15.95 -23.07 0.10
CA HIS A 93 -17.34 -23.01 -0.46
C HIS A 93 -17.37 -22.66 -1.95
N ASP A 94 -16.29 -22.10 -2.53
CA ASP A 94 -16.38 -21.54 -3.90
C ASP A 94 -15.09 -21.86 -4.68
N THR A 95 -13.93 -21.37 -4.20
CA THR A 95 -12.73 -21.38 -5.03
C THR A 95 -12.22 -22.80 -5.28
N LYS A 96 -12.23 -23.67 -4.29
CA LYS A 96 -11.70 -25.03 -4.56
C LYS A 96 -12.53 -25.69 -5.67
N HIS A 97 -13.82 -25.37 -5.77
CA HIS A 97 -14.72 -25.96 -6.79
C HIS A 97 -14.47 -25.35 -8.16
N ILE A 98 -14.30 -24.03 -8.22
CA ILE A 98 -13.85 -23.38 -9.47
C ILE A 98 -12.57 -24.05 -10.00
N LEU A 99 -11.53 -24.23 -9.16
CA LEU A 99 -10.24 -24.71 -9.66
C LEU A 99 -10.31 -26.21 -10.00
N SER A 100 -11.10 -26.96 -9.26
CA SER A 100 -11.31 -28.41 -9.54
CA SER A 100 -11.33 -28.40 -9.52
C SER A 100 -12.03 -28.52 -10.88
N ASN A 101 -13.04 -27.71 -11.12
CA ASN A 101 -13.78 -27.73 -12.41
C ASN A 101 -12.91 -27.20 -13.54
N ALA A 102 -12.10 -26.18 -13.29
CA ALA A 102 -11.19 -25.69 -14.33
C ALA A 102 -10.24 -26.81 -14.76
N LEU A 103 -9.69 -27.54 -13.79
CA LEU A 103 -8.70 -28.60 -14.08
C LEU A 103 -9.37 -29.68 -14.92
N ARG A 104 -10.55 -30.11 -14.53
CA ARG A 104 -11.33 -31.17 -15.24
C ARG A 104 -11.69 -30.67 -16.64
N HIS A 105 -12.28 -29.49 -16.72
N HIS A 105 -12.28 -29.48 -16.74
CA HIS A 105 -12.86 -29.00 -18.00
CA HIS A 105 -12.87 -28.99 -18.02
C HIS A 105 -11.77 -28.63 -19.00
C HIS A 105 -11.78 -28.60 -19.02
N LEU A 106 -10.67 -27.97 -18.58
CA LEU A 106 -9.56 -27.64 -19.50
C LEU A 106 -8.88 -28.94 -19.97
N HIS A 107 -8.64 -29.87 -19.04
CA HIS A 107 -8.04 -31.19 -19.42
C HIS A 107 -8.86 -31.87 -20.54
N ASP A 108 -10.17 -31.90 -20.40
CA ASP A 108 -11.14 -32.58 -21.31
C ASP A 108 -11.36 -31.80 -22.59
N ASN A 109 -11.09 -30.49 -22.60
CA ASN A 109 -11.50 -29.65 -23.74
C ASN A 109 -10.30 -28.82 -24.15
N PRO A 110 -9.42 -29.35 -25.03
CA PRO A 110 -8.14 -28.70 -25.31
C PRO A 110 -8.20 -27.27 -25.84
N GLU A 111 -9.30 -26.84 -26.45
CA GLU A 111 -9.38 -25.49 -27.06
C GLU A 111 -9.97 -24.51 -26.04
N MET A 112 -10.49 -24.99 -24.91
CA MET A 112 -10.99 -24.08 -23.84
C MET A 112 -9.79 -23.44 -23.10
N LYS A 113 -9.98 -22.20 -22.64
CA LYS A 113 -8.92 -21.37 -22.03
C LYS A 113 -9.48 -20.69 -20.78
N PHE A 114 -8.60 -20.29 -19.89
CA PHE A 114 -8.99 -19.69 -18.59
C PHE A 114 -7.77 -18.96 -18.03
N ILE A 115 -8.01 -17.77 -17.47
CA ILE A 115 -6.93 -17.04 -16.80
C ILE A 115 -7.20 -17.07 -15.29
N TRP A 116 -6.12 -16.99 -14.52
CA TRP A 116 -6.12 -17.04 -13.05
C TRP A 116 -5.14 -16.02 -12.46
N ALA A 117 -5.65 -15.15 -11.59
CA ALA A 117 -4.86 -14.05 -11.00
C ALA A 117 -4.38 -14.33 -9.55
N GLU A 118 -5.18 -14.89 -8.64
CA GLU A 118 -4.95 -14.83 -7.15
C GLU A 118 -4.15 -16.05 -6.77
N ILE A 119 -2.85 -15.94 -6.53
CA ILE A 119 -2.00 -17.15 -6.31
C ILE A 119 -2.18 -17.66 -4.87
N SER A 120 -2.64 -16.81 -3.96
CA SER A 120 -3.01 -17.19 -2.58
C SER A 120 -3.94 -18.38 -2.71
N TYR A 121 -4.99 -18.27 -3.52
CA TYR A 121 -5.99 -19.36 -3.68
C TYR A 121 -5.36 -20.51 -4.45
N PHE A 122 -4.60 -20.23 -5.49
CA PHE A 122 -4.09 -21.33 -6.34
C PHE A 122 -3.15 -22.18 -5.51
N ALA A 123 -2.31 -21.58 -4.67
CA ALA A 123 -1.35 -22.29 -3.79
C ALA A 123 -2.12 -23.10 -2.75
N ARG A 124 -3.15 -22.55 -2.14
CA ARG A 124 -3.98 -23.26 -1.15
C ARG A 124 -4.53 -24.51 -1.81
N PHE A 125 -5.02 -24.39 -3.03
CA PHE A 125 -5.62 -25.51 -3.78
C PHE A 125 -4.57 -26.54 -4.17
N TYR A 126 -3.50 -26.09 -4.82
CA TYR A 126 -2.52 -27.01 -5.45
CA TYR A 126 -2.52 -27.00 -5.45
C TYR A 126 -1.89 -27.93 -4.41
N HIS A 127 -1.54 -27.42 -3.25
CA HIS A 127 -0.84 -28.23 -2.20
C HIS A 127 -1.82 -29.28 -1.65
N ASP A 128 -3.12 -29.10 -1.80
CA ASP A 128 -4.10 -30.13 -1.33
C ASP A 128 -4.37 -31.20 -2.40
N LEU A 129 -3.95 -30.99 -3.62
CA LEU A 129 -4.21 -31.97 -4.68
C LEU A 129 -3.42 -33.26 -4.45
N GLY A 130 -4.00 -34.40 -4.83
CA GLY A 130 -3.22 -35.63 -5.04
C GLY A 130 -2.22 -35.47 -6.20
N GLU A 131 -1.21 -36.33 -6.28
CA GLU A 131 -0.15 -36.21 -7.34
C GLU A 131 -0.76 -36.28 -8.75
N ASN A 132 -1.73 -37.14 -9.01
CA ASN A 132 -2.31 -37.29 -10.38
C ASN A 132 -2.89 -35.93 -10.82
N LYS A 133 -3.63 -35.31 -9.93
CA LYS A 133 -4.26 -33.99 -10.21
C LYS A 133 -3.22 -32.89 -10.30
N LYS A 134 -2.14 -32.93 -9.51
CA LYS A 134 -1.01 -31.96 -9.67
C LYS A 134 -0.40 -32.08 -11.05
N LEU A 135 -0.22 -33.32 -11.55
CA LEU A 135 0.38 -33.50 -12.88
C LEU A 135 -0.63 -33.05 -13.96
N GLN A 136 -1.92 -33.30 -13.79
CA GLN A 136 -2.94 -32.86 -14.77
C GLN A 136 -2.92 -31.33 -14.84
N MET A 137 -2.72 -30.72 -13.69
CA MET A 137 -2.69 -29.23 -13.60
C MET A 137 -1.44 -28.72 -14.29
N LYS A 138 -0.29 -29.34 -14.06
CA LYS A 138 0.93 -28.92 -14.78
C LYS A 138 0.72 -29.01 -16.30
N SER A 139 0.02 -30.02 -16.78
CA SER A 139 -0.17 -30.26 -18.23
C SER A 139 -0.98 -29.12 -18.87
N ILE A 140 -2.01 -28.63 -18.18
CA ILE A 140 -2.84 -27.52 -18.74
C ILE A 140 -2.16 -26.16 -18.53
N VAL A 141 -1.19 -26.03 -17.65
CA VAL A 141 -0.34 -24.80 -17.57
C VAL A 141 0.72 -24.86 -18.67
N LYS A 142 1.37 -26.02 -18.81
CA LYS A 142 2.45 -26.18 -19.82
C LYS A 142 1.90 -25.90 -21.22
N ASN A 143 0.66 -26.33 -21.52
CA ASN A 143 0.12 -26.19 -22.91
C ASN A 143 -0.54 -24.83 -23.09
N GLY A 144 -0.57 -24.01 -22.05
CA GLY A 144 -1.06 -22.62 -22.15
C GLY A 144 -2.58 -22.49 -22.01
N GLN A 145 -3.31 -23.56 -21.67
CA GLN A 145 -4.79 -23.51 -21.51
C GLN A 145 -5.14 -22.67 -20.27
N LEU A 146 -4.44 -22.92 -19.18
CA LEU A 146 -4.65 -22.18 -17.91
C LEU A 146 -3.48 -21.22 -17.78
N GLU A 147 -3.74 -19.92 -17.89
CA GLU A 147 -2.67 -18.92 -17.93
C GLU A 147 -2.78 -18.02 -16.70
N PHE A 148 -1.68 -17.90 -15.96
CA PHE A 148 -1.63 -17.01 -14.79
C PHE A 148 -1.47 -15.60 -15.28
N VAL A 149 -2.21 -14.70 -14.67
CA VAL A 149 -2.20 -13.25 -14.99
C VAL A 149 -1.80 -12.51 -13.71
N THR A 150 -0.78 -11.64 -13.84
CA THR A 150 -0.05 -10.96 -12.74
C THR A 150 0.72 -11.99 -11.91
N GLY A 151 0.00 -12.93 -11.27
CA GLY A 151 0.61 -13.96 -10.44
C GLY A 151 1.03 -13.41 -9.09
N GLY A 152 0.43 -12.30 -8.64
CA GLY A 152 0.61 -11.90 -7.25
C GLY A 152 -0.15 -12.79 -6.28
N TRP A 153 0.20 -12.69 -5.01
CA TRP A 153 -0.59 -13.38 -3.95
C TRP A 153 -2.06 -12.97 -4.08
N VAL A 154 -2.28 -11.69 -4.36
CA VAL A 154 -3.62 -11.08 -4.46
C VAL A 154 -3.65 -10.16 -5.69
N MET A 155 -4.79 -9.51 -5.86
CA MET A 155 -4.94 -8.36 -6.78
C MET A 155 -5.06 -7.15 -5.87
N PRO A 156 -3.94 -6.46 -5.55
CA PRO A 156 -3.99 -5.52 -4.45
C PRO A 156 -4.73 -4.23 -4.75
N ASP A 157 -5.22 -3.66 -3.66
CA ASP A 157 -5.53 -2.21 -3.61
C ASP A 157 -4.35 -1.49 -4.22
N GLU A 158 -4.60 -0.32 -4.78
CA GLU A 158 -3.54 0.49 -5.42
C GLU A 158 -3.54 1.85 -4.76
N ALA A 159 -4.50 2.18 -3.91
CA ALA A 159 -4.56 3.51 -3.24
C ALA A 159 -3.80 3.50 -1.91
N ASN A 160 -4.14 2.57 -0.99
CA ASN A 160 -3.64 2.59 0.40
C ASN A 160 -2.32 1.82 0.53
N SER A 161 -2.09 0.89 -0.38
CA SER A 161 -0.95 -0.05 -0.31
C SER A 161 0.39 0.67 -0.41
N HIS A 162 1.31 0.31 0.46
CA HIS A 162 2.72 0.70 0.29
C HIS A 162 3.35 -0.06 -0.88
N TRP A 163 4.17 0.60 -1.66
CA TRP A 163 4.90 -0.06 -2.76
C TRP A 163 5.67 -1.27 -2.29
N ARG A 164 6.27 -1.21 -1.10
CA ARG A 164 7.04 -2.35 -0.60
C ARG A 164 6.13 -3.56 -0.44
N ASN A 165 4.93 -3.34 0.02
CA ASN A 165 3.98 -4.49 0.20
C ASN A 165 3.33 -4.90 -1.15
N VAL A 166 3.21 -4.02 -2.10
CA VAL A 166 2.81 -4.38 -3.50
C VAL A 166 3.91 -5.33 -4.05
N LEU A 167 5.18 -4.97 -3.88
CA LEU A 167 6.29 -5.84 -4.32
C LEU A 167 6.27 -7.14 -3.52
N LEU A 168 6.05 -7.09 -2.21
CA LEU A 168 6.10 -8.31 -1.38
C LEU A 168 5.08 -9.31 -1.92
N GLN A 169 3.84 -8.86 -2.11
CA GLN A 169 2.78 -9.82 -2.49
C GLN A 169 2.97 -10.30 -3.95
N LEU A 170 3.54 -9.47 -4.80
CA LEU A 170 3.86 -9.89 -6.17
C LEU A 170 4.95 -10.95 -6.10
N THR A 171 5.96 -10.70 -5.28
CA THR A 171 7.08 -11.64 -5.09
C THR A 171 6.57 -12.95 -4.50
N GLU A 172 5.67 -12.89 -3.53
CA GLU A 172 5.16 -14.14 -2.88
C GLU A 172 4.47 -15.01 -3.94
N GLY A 173 3.59 -14.43 -4.76
CA GLY A 173 2.88 -15.16 -5.81
C GLY A 173 3.82 -15.66 -6.88
N GLN A 174 4.70 -14.78 -7.39
CA GLN A 174 5.55 -15.17 -8.53
C GLN A 174 6.61 -16.17 -8.09
N THR A 175 7.09 -16.08 -6.84
CA THR A 175 8.07 -17.07 -6.39
C THR A 175 7.40 -18.43 -6.32
N TRP A 176 6.17 -18.45 -5.80
CA TRP A 176 5.36 -19.68 -5.75
C TRP A 176 5.23 -20.21 -7.18
N LEU A 177 4.80 -19.39 -8.15
CA LEU A 177 4.61 -19.89 -9.54
C LEU A 177 5.92 -20.41 -10.15
N LYS A 178 7.06 -19.75 -9.87
CA LYS A 178 8.34 -20.20 -10.45
C LYS A 178 8.68 -21.56 -9.82
N GLN A 179 8.61 -21.63 -8.49
CA GLN A 179 9.01 -22.84 -7.75
C GLN A 179 8.14 -24.02 -8.17
N PHE A 180 6.82 -23.84 -8.24
CA PHE A 180 5.90 -25.00 -8.33
C PHE A 180 5.35 -25.19 -9.74
N MET A 181 5.32 -24.17 -10.58
CA MET A 181 4.73 -24.27 -11.92
C MET A 181 5.77 -23.88 -12.98
N ASN A 182 6.96 -23.36 -12.60
CA ASN A 182 8.01 -22.97 -13.58
C ASN A 182 7.46 -21.96 -14.60
N VAL A 183 6.60 -21.02 -14.19
CA VAL A 183 6.13 -19.96 -15.12
C VAL A 183 6.21 -18.64 -14.37
N THR A 184 6.44 -17.57 -15.13
CA THR A 184 6.46 -16.18 -14.64
C THR A 184 5.60 -15.35 -15.57
N PRO A 185 4.40 -14.87 -15.13
CA PRO A 185 3.55 -13.99 -15.93
C PRO A 185 4.28 -12.72 -16.33
N THR A 186 4.03 -12.30 -17.56
CA THR A 186 4.48 -10.97 -18.07
C THR A 186 3.28 -10.07 -18.39
N ALA A 187 2.04 -10.54 -18.19
CA ALA A 187 0.83 -9.74 -18.40
C ALA A 187 0.13 -9.63 -17.06
N SER A 188 -0.28 -8.42 -16.73
CA SER A 188 -1.01 -8.12 -15.48
C SER A 188 -2.50 -7.90 -15.74
N TRP A 189 -3.33 -8.33 -14.79
CA TRP A 189 -4.83 -8.23 -14.84
C TRP A 189 -5.32 -7.64 -13.53
N ALA A 190 -5.81 -6.40 -13.55
CA ALA A 190 -6.28 -5.69 -12.32
C ALA A 190 -7.68 -5.14 -12.67
N ILE A 191 -8.70 -5.96 -12.49
CA ILE A 191 -10.07 -5.60 -12.97
C ILE A 191 -10.86 -4.95 -11.84
N ASP A 192 -10.44 -5.04 -10.58
CA ASP A 192 -11.29 -4.59 -9.46
C ASP A 192 -10.75 -3.53 -8.50
N PRO A 193 -9.44 -3.17 -8.40
CA PRO A 193 -9.05 -2.10 -7.47
C PRO A 193 -9.73 -0.80 -7.83
N PHE A 194 -9.97 0.04 -6.80
CA PHE A 194 -10.90 1.16 -6.92
C PHE A 194 -10.13 2.40 -7.34
N GLY A 195 -9.85 2.44 -8.65
CA GLY A 195 -8.89 3.41 -9.20
C GLY A 195 -7.50 2.78 -9.27
N HIS A 196 -6.61 3.38 -10.05
CA HIS A 196 -5.33 2.74 -10.40
C HIS A 196 -4.16 3.70 -10.24
N SER A 197 -3.03 3.13 -9.81
CA SER A 197 -1.81 3.88 -9.51
C SER A 197 -0.70 3.53 -10.50
N PRO A 198 0.13 4.50 -10.90
CA PRO A 198 1.28 4.20 -11.73
C PRO A 198 2.41 3.45 -10.98
N THR A 199 2.28 3.30 -9.68
CA THR A 199 3.21 2.44 -8.90
C THR A 199 3.15 1.03 -9.49
N MET A 200 2.00 0.64 -10.03
CA MET A 200 1.87 -0.77 -10.51
C MET A 200 2.74 -0.96 -11.76
N PRO A 201 2.58 -0.18 -12.88
CA PRO A 201 3.51 -0.35 -14.00
C PRO A 201 4.99 -0.14 -13.57
N TYR A 202 5.26 0.73 -12.62
CA TYR A 202 6.65 0.94 -12.13
C TYR A 202 7.25 -0.36 -11.64
N ILE A 203 6.53 -1.05 -10.78
CA ILE A 203 7.02 -2.33 -10.18
C ILE A 203 6.99 -3.41 -11.25
N LEU A 204 5.88 -3.55 -11.98
CA LEU A 204 5.72 -4.61 -12.99
C LEU A 204 6.83 -4.50 -14.03
N GLN A 205 7.11 -3.29 -14.51
CA GLN A 205 8.09 -3.09 -15.62
C GLN A 205 9.50 -3.46 -15.12
N LYS A 206 9.79 -3.31 -13.83
CA LYS A 206 11.10 -3.71 -13.21
C LYS A 206 11.07 -5.22 -12.79
N SER A 207 9.97 -5.91 -13.04
CA SER A 207 9.74 -7.34 -12.69
C SER A 207 9.45 -8.14 -13.94
N GLY A 208 9.92 -7.65 -15.10
CA GLY A 208 9.88 -8.36 -16.40
C GLY A 208 8.56 -8.30 -17.15
N PHE A 209 7.59 -7.51 -16.68
CA PHE A 209 6.28 -7.45 -17.36
C PHE A 209 6.39 -6.73 -18.70
N LYS A 210 5.49 -7.10 -19.61
CA LYS A 210 5.39 -6.47 -20.95
C LYS A 210 4.04 -5.75 -21.12
N ASN A 211 3.02 -6.11 -20.34
CA ASN A 211 1.66 -5.59 -20.59
C ASN A 211 0.85 -5.58 -19.30
N MET A 212 -0.12 -4.67 -19.19
CA MET A 212 -1.05 -4.73 -18.03
C MET A 212 -2.43 -4.24 -18.45
N LEU A 213 -3.43 -4.64 -17.68
CA LEU A 213 -4.84 -4.30 -17.91
C LEU A 213 -5.44 -3.74 -16.63
N ILE A 214 -6.22 -2.66 -16.78
CA ILE A 214 -6.95 -2.00 -15.67
C ILE A 214 -8.41 -1.81 -16.11
N GLN A 215 -9.28 -1.54 -15.14
CA GLN A 215 -10.75 -1.43 -15.37
C GLN A 215 -11.35 -0.22 -14.65
N ARG A 216 -11.15 -0.08 -13.35
CA ARG A 216 -11.99 0.88 -12.59
C ARG A 216 -11.32 2.26 -12.65
N THR A 217 -11.65 2.96 -13.69
CA THR A 217 -11.31 4.39 -13.87
C THR A 217 -12.61 5.15 -14.01
N HIS A 218 -12.56 6.41 -13.65
CA HIS A 218 -13.71 7.32 -13.69
C HIS A 218 -14.45 7.23 -15.03
N TYR A 219 -15.75 7.06 -15.00
CA TYR A 219 -16.57 6.99 -16.24
C TYR A 219 -16.27 8.14 -17.19
N SER A 220 -16.02 9.36 -16.71
CA SER A 220 -15.68 10.48 -17.61
C SER A 220 -14.34 10.26 -18.30
N VAL A 221 -13.35 9.69 -17.58
CA VAL A 221 -12.01 9.41 -18.16
C VAL A 221 -12.13 8.33 -19.23
N LYS A 222 -12.93 7.30 -18.99
CA LYS A 222 -13.18 6.25 -20.00
C LYS A 222 -13.77 6.90 -21.27
N LYS A 223 -14.75 7.79 -21.09
CA LYS A 223 -15.42 8.42 -22.27
C LYS A 223 -14.39 9.27 -23.03
N GLU A 224 -13.59 10.08 -22.31
N GLU A 224 -13.60 10.11 -22.34
CA GLU A 224 -12.61 11.02 -22.91
CA GLU A 224 -12.61 11.02 -23.00
C GLU A 224 -11.52 10.24 -23.68
C GLU A 224 -11.55 10.20 -23.74
N LEU A 225 -10.96 9.20 -23.07
CA LEU A 225 -9.92 8.37 -23.73
C LEU A 225 -10.56 7.59 -24.89
N ALA A 226 -11.75 6.99 -24.70
CA ALA A 226 -12.45 6.23 -25.78
C ALA A 226 -12.59 7.08 -27.05
N GLN A 227 -12.95 8.35 -26.88
CA GLN A 227 -13.22 9.26 -28.01
C GLN A 227 -11.97 9.42 -28.85
N GLN A 228 -10.78 9.34 -28.22
CA GLN A 228 -9.47 9.58 -28.86
C GLN A 228 -8.81 8.24 -29.18
N ARG A 229 -9.47 7.11 -28.95
CA ARG A 229 -8.84 5.77 -29.02
C ARG A 229 -7.51 5.80 -28.21
N GLN A 230 -7.59 6.27 -26.98
CA GLN A 230 -6.42 6.35 -26.04
C GLN A 230 -6.66 5.42 -24.86
N LEU A 231 -7.39 4.32 -25.07
CA LEU A 231 -7.64 3.37 -23.97
C LEU A 231 -6.46 2.39 -23.81
N GLU A 232 -5.63 2.25 -24.85
CA GLU A 232 -4.34 1.53 -24.83
C GLU A 232 -3.22 2.55 -24.94
N PHE A 233 -2.29 2.52 -23.98
CA PHE A 233 -1.28 3.60 -23.91
C PHE A 233 -0.02 3.04 -23.25
N LEU A 234 1.12 3.64 -23.54
CA LEU A 234 2.40 3.31 -22.92
C LEU A 234 2.50 4.16 -21.65
N TRP A 235 2.23 3.53 -20.50
CA TRP A 235 2.12 4.28 -19.24
C TRP A 235 3.50 4.41 -18.62
N ARG A 236 4.03 5.62 -18.56
CA ARG A 236 5.36 5.90 -17.99
C ARG A 236 5.17 6.70 -16.71
N GLN A 237 6.21 6.73 -15.90
CA GLN A 237 6.15 7.51 -14.65
C GLN A 237 6.18 9.00 -14.95
N ILE A 238 5.61 9.76 -14.05
CA ILE A 238 5.43 11.21 -14.24
C ILE A 238 6.77 11.89 -14.41
N TRP A 239 7.88 11.33 -13.90
CA TRP A 239 9.21 12.01 -13.92
C TRP A 239 10.05 11.47 -15.09
N ASP A 240 9.57 10.46 -15.83
CA ASP A 240 10.40 9.68 -16.79
C ASP A 240 10.46 10.41 -18.13
N ASN A 241 11.48 11.27 -18.32
CA ASN A 241 11.75 11.95 -19.62
C ASN A 241 12.04 10.94 -20.74
N LYS A 242 12.80 9.89 -20.48
CA LYS A 242 13.35 9.00 -21.55
C LYS A 242 12.27 7.98 -21.98
N GLY A 243 11.46 7.50 -21.03
CA GLY A 243 10.38 6.54 -21.32
C GLY A 243 10.78 5.11 -21.05
N ASP A 244 11.86 4.86 -20.30
CA ASP A 244 12.29 3.46 -20.09
C ASP A 244 11.39 2.80 -19.03
N THR A 245 10.58 3.56 -18.30
CA THR A 245 9.64 2.95 -17.33
C THR A 245 8.36 2.54 -18.04
N ALA A 246 8.17 2.84 -19.32
CA ALA A 246 6.85 2.67 -19.96
C ALA A 246 6.41 1.20 -19.94
N LEU A 247 5.13 1.00 -19.64
CA LEU A 247 4.48 -0.33 -19.77
C LEU A 247 3.15 -0.18 -20.53
N PHE A 248 3.01 -1.01 -21.53
CA PHE A 248 1.80 -1.06 -22.36
C PHE A 248 0.63 -1.41 -21.44
N THR A 249 -0.38 -0.55 -21.49
CA THR A 249 -1.56 -0.67 -20.60
C THR A 249 -2.84 -0.65 -21.46
N HIS A 250 -3.75 -1.58 -21.15
CA HIS A 250 -5.11 -1.68 -21.73
C HIS A 250 -6.11 -1.26 -20.65
N MET A 251 -6.81 -0.16 -20.85
CA MET A 251 -7.95 0.23 -19.98
C MET A 251 -9.23 -0.29 -20.65
N MET A 252 -10.00 -1.10 -19.91
N MET A 252 -10.00 -1.10 -19.93
CA MET A 252 -11.33 -1.56 -20.37
CA MET A 252 -11.31 -1.56 -20.44
C MET A 252 -12.25 -0.34 -20.46
C MET A 252 -12.28 -0.39 -20.43
N PRO A 253 -13.22 -0.33 -21.41
CA PRO A 253 -13.97 0.90 -21.67
C PRO A 253 -15.24 1.14 -20.85
N PHE A 254 -15.83 0.08 -20.28
CA PHE A 254 -17.24 0.09 -19.83
C PHE A 254 -17.30 0.08 -18.30
N TYR A 255 -18.51 0.02 -17.77
CA TYR A 255 -18.78 0.23 -16.33
C TYR A 255 -18.27 -0.90 -15.44
N SER A 256 -18.19 -2.11 -15.96
CA SER A 256 -17.90 -3.31 -15.16
C SER A 256 -17.03 -4.25 -16.01
N TYR A 257 -16.45 -5.24 -15.32
CA TYR A 257 -15.79 -6.41 -15.94
C TYR A 257 -16.76 -7.57 -16.11
N ASP A 258 -18.03 -7.42 -15.71
CA ASP A 258 -18.97 -8.56 -15.81
C ASP A 258 -19.37 -8.75 -17.28
N ILE A 259 -20.00 -9.87 -17.64
CA ILE A 259 -20.26 -10.16 -19.07
C ILE A 259 -21.16 -9.10 -19.72
N PRO A 260 -22.23 -8.58 -19.07
CA PRO A 260 -23.04 -7.50 -19.67
C PRO A 260 -22.23 -6.25 -20.06
N HIS A 261 -21.09 -6.00 -19.41
CA HIS A 261 -20.27 -4.79 -19.72
C HIS A 261 -18.92 -5.13 -20.35
N THR A 262 -18.78 -6.33 -20.94
CA THR A 262 -17.52 -6.68 -21.64
C THR A 262 -17.69 -7.14 -23.09
N CYS A 263 -18.91 -7.38 -23.60
CA CYS A 263 -19.07 -7.80 -25.03
C CYS A 263 -19.09 -6.59 -25.98
N GLY A 264 -19.41 -5.40 -25.49
CA GLY A 264 -19.73 -4.24 -26.32
C GLY A 264 -20.57 -3.28 -25.50
N PRO A 265 -21.02 -2.17 -26.15
CA PRO A 265 -21.54 -1.03 -25.38
C PRO A 265 -22.94 -1.22 -24.82
N ASP A 266 -23.69 -2.21 -25.27
CA ASP A 266 -25.12 -2.36 -24.86
C ASP A 266 -25.32 -3.56 -23.97
N PRO A 267 -25.41 -3.33 -22.63
CA PRO A 267 -25.50 -4.41 -21.67
C PRO A 267 -26.75 -5.28 -21.81
N LYS A 268 -27.82 -4.71 -22.37
CA LYS A 268 -29.09 -5.44 -22.63
C LYS A 268 -28.82 -6.53 -23.66
N VAL A 269 -27.92 -6.26 -24.61
CA VAL A 269 -27.50 -7.29 -25.60
C VAL A 269 -26.43 -8.19 -24.99
N CYS A 270 -25.37 -7.64 -24.41
CA CYS A 270 -24.27 -8.49 -23.87
C CYS A 270 -24.77 -9.49 -22.84
N CYS A 271 -25.78 -9.13 -22.06
CA CYS A 271 -26.32 -9.99 -21.01
C CYS A 271 -26.88 -11.29 -21.62
N GLN A 272 -27.38 -11.22 -22.84
CA GLN A 272 -27.96 -12.38 -23.54
C GLN A 272 -26.85 -13.36 -23.94
N PHE A 273 -25.59 -13.03 -23.70
CA PHE A 273 -24.44 -13.91 -24.02
C PHE A 273 -23.65 -14.28 -22.75
N ASP A 274 -24.29 -14.10 -21.59
CA ASP A 274 -23.89 -14.70 -20.33
C ASP A 274 -24.80 -15.92 -20.11
N PHE A 275 -24.33 -17.09 -20.51
CA PHE A 275 -25.21 -18.29 -20.60
C PHE A 275 -25.51 -18.86 -19.21
N LYS A 276 -24.88 -18.36 -18.14
CA LYS A 276 -25.31 -18.71 -16.78
C LYS A 276 -26.63 -18.01 -16.40
N ARG A 277 -27.06 -16.98 -17.12
CA ARG A 277 -28.26 -16.19 -16.71
C ARG A 277 -29.52 -16.78 -17.33
N MET A 278 -29.50 -18.09 -17.61
CA MET A 278 -30.72 -18.84 -18.05
C MET A 278 -30.68 -20.23 -17.38
N GLY A 279 -31.69 -21.07 -17.61
CA GLY A 279 -31.80 -22.38 -16.96
C GLY A 279 -31.84 -22.30 -15.44
N SER A 280 -31.18 -23.24 -14.79
CA SER A 280 -31.38 -23.60 -13.38
C SER A 280 -30.52 -22.75 -12.44
N PHE A 281 -29.75 -21.74 -12.91
CA PHE A 281 -28.64 -21.20 -12.08
C PHE A 281 -29.15 -20.15 -11.08
N GLY A 282 -30.36 -19.62 -11.28
CA GLY A 282 -30.96 -18.59 -10.39
C GLY A 282 -30.41 -17.19 -10.66
N LEU A 283 -29.81 -16.95 -11.83
CA LEU A 283 -29.39 -15.61 -12.28
C LEU A 283 -30.24 -15.18 -13.48
N SER A 284 -30.31 -13.88 -13.73
CA SER A 284 -31.16 -13.31 -14.79
C SER A 284 -30.53 -12.02 -15.29
N CYS A 285 -31.06 -11.48 -16.39
CA CYS A 285 -30.63 -10.20 -16.96
C CYS A 285 -31.52 -9.08 -16.43
N PRO A 286 -30.97 -8.08 -15.75
CA PRO A 286 -31.83 -6.99 -15.27
C PRO A 286 -32.51 -6.16 -16.37
N TRP A 287 -31.99 -6.20 -17.60
CA TRP A 287 -32.56 -5.53 -18.81
C TRP A 287 -33.74 -6.33 -19.37
N LYS A 288 -34.04 -7.48 -18.79
CA LYS A 288 -35.30 -8.25 -18.97
C LYS A 288 -35.32 -9.08 -20.27
N VAL A 289 -34.21 -9.20 -21.03
CA VAL A 289 -34.13 -10.11 -22.21
C VAL A 289 -33.15 -11.21 -21.82
N PRO A 290 -33.61 -12.47 -21.71
CA PRO A 290 -32.77 -13.55 -21.23
C PRO A 290 -31.83 -14.00 -22.34
N PRO A 291 -30.71 -14.63 -21.97
CA PRO A 291 -29.96 -15.43 -22.93
C PRO A 291 -30.88 -16.52 -23.51
N ARG A 292 -30.55 -16.98 -24.71
CA ARG A 292 -31.16 -18.20 -25.27
C ARG A 292 -30.05 -19.11 -25.77
N THR A 293 -30.27 -20.40 -25.55
CA THR A 293 -29.40 -21.45 -26.10
C THR A 293 -29.20 -21.22 -27.59
N ILE A 294 -27.97 -21.31 -28.06
CA ILE A 294 -27.62 -21.16 -29.49
C ILE A 294 -28.00 -22.46 -30.18
N SER A 295 -28.74 -22.36 -31.27
CA SER A 295 -29.15 -23.51 -32.12
C SER A 295 -28.94 -23.16 -33.59
N ASP A 296 -28.99 -24.17 -34.46
CA ASP A 296 -29.05 -23.94 -35.93
C ASP A 296 -30.16 -22.92 -36.26
N GLN A 297 -31.27 -22.91 -35.51
CA GLN A 297 -32.44 -22.05 -35.81
C GLN A 297 -32.12 -20.57 -35.55
N ASN A 298 -31.26 -20.26 -34.57
CA ASN A 298 -31.09 -18.83 -34.13
C ASN A 298 -29.63 -18.38 -34.29
N VAL A 299 -28.72 -19.25 -34.73
CA VAL A 299 -27.26 -18.91 -34.61
C VAL A 299 -26.95 -17.70 -35.51
N ALA A 300 -27.56 -17.58 -36.69
CA ALA A 300 -27.23 -16.47 -37.58
C ALA A 300 -27.66 -15.15 -36.91
N ALA A 301 -28.83 -15.08 -36.30
CA ALA A 301 -29.34 -13.84 -35.67
C ALA A 301 -28.54 -13.56 -34.39
N ARG A 302 -28.32 -14.58 -33.57
CA ARG A 302 -27.55 -14.40 -32.32
C ARG A 302 -26.12 -13.92 -32.69
N SER A 303 -25.48 -14.51 -33.70
CA SER A 303 -24.13 -14.11 -34.17
C SER A 303 -24.13 -12.67 -34.66
N ASP A 304 -25.11 -12.25 -35.49
CA ASP A 304 -25.14 -10.85 -36.00
C ASP A 304 -25.26 -9.87 -34.82
N LEU A 305 -26.09 -10.15 -33.84
CA LEU A 305 -26.28 -9.30 -32.65
C LEU A 305 -24.94 -9.18 -31.87
N LEU A 306 -24.28 -10.32 -31.64
CA LEU A 306 -23.00 -10.31 -30.87
C LEU A 306 -21.89 -9.66 -31.66
N VAL A 307 -21.71 -9.99 -32.93
CA VAL A 307 -20.60 -9.42 -33.73
C VAL A 307 -20.79 -7.92 -33.81
N ASP A 308 -22.02 -7.47 -33.97
CA ASP A 308 -22.28 -5.99 -34.01
C ASP A 308 -21.77 -5.34 -32.71
N GLN A 309 -22.04 -5.95 -31.56
CA GLN A 309 -21.48 -5.49 -30.25
C GLN A 309 -19.94 -5.47 -30.32
N TRP A 310 -19.31 -6.57 -30.72
CA TRP A 310 -17.82 -6.66 -30.83
C TRP A 310 -17.28 -5.54 -31.75
N LYS A 311 -17.90 -5.31 -32.91
CA LYS A 311 -17.39 -4.30 -33.86
C LYS A 311 -17.54 -2.91 -33.24
N LYS A 312 -18.60 -2.66 -32.46
CA LYS A 312 -18.74 -1.33 -31.78
C LYS A 312 -17.59 -1.18 -30.77
N LYS A 313 -17.36 -2.20 -29.97
CA LYS A 313 -16.27 -2.15 -28.95
C LYS A 313 -14.93 -1.94 -29.66
N ALA A 314 -14.72 -2.59 -30.82
CA ALA A 314 -13.46 -2.50 -31.61
C ALA A 314 -13.22 -1.06 -32.09
N GLU A 315 -14.27 -0.29 -32.29
CA GLU A 315 -14.10 1.10 -32.76
C GLU A 315 -13.35 1.92 -31.72
N LEU A 316 -13.32 1.49 -30.45
CA LEU A 316 -12.69 2.27 -29.37
C LEU A 316 -11.19 2.05 -29.33
N TYR A 317 -10.66 1.06 -30.09
CA TYR A 317 -9.24 0.61 -30.01
C TYR A 317 -8.61 0.72 -31.40
N ARG A 318 -7.30 0.74 -31.44
CA ARG A 318 -6.51 1.08 -32.66
C ARG A 318 -6.19 -0.13 -33.54
N THR A 319 -6.24 -1.37 -33.03
CA THR A 319 -5.86 -2.56 -33.81
C THR A 319 -7.14 -3.29 -34.24
N ASN A 320 -6.96 -4.35 -35.02
CA ASN A 320 -8.01 -5.30 -35.43
C ASN A 320 -8.03 -6.53 -34.50
N VAL A 321 -7.41 -6.42 -33.32
CA VAL A 321 -7.41 -7.51 -32.31
C VAL A 321 -8.26 -7.04 -31.12
N LEU A 322 -9.22 -7.82 -30.71
CA LEU A 322 -10.21 -7.36 -29.73
C LEU A 322 -10.25 -8.28 -28.53
N LEU A 323 -10.22 -7.69 -27.34
CA LEU A 323 -10.28 -8.43 -26.07
C LEU A 323 -11.72 -8.45 -25.57
N ILE A 324 -12.24 -9.65 -25.32
CA ILE A 324 -13.61 -9.88 -24.79
C ILE A 324 -13.49 -10.75 -23.56
N PRO A 325 -13.29 -10.18 -22.36
CA PRO A 325 -13.33 -10.95 -21.14
C PRO A 325 -14.68 -11.64 -21.02
N LEU A 326 -14.69 -12.86 -20.51
CA LEU A 326 -15.93 -13.62 -20.23
C LEU A 326 -15.88 -14.16 -18.80
N GLY A 327 -16.42 -13.41 -17.86
CA GLY A 327 -16.43 -13.88 -16.48
C GLY A 327 -17.00 -12.86 -15.52
N ASP A 328 -17.00 -13.23 -14.25
CA ASP A 328 -17.60 -12.41 -13.16
C ASP A 328 -17.10 -12.98 -11.84
N ASP A 329 -17.62 -12.48 -10.74
CA ASP A 329 -17.23 -12.93 -9.38
C ASP A 329 -17.48 -14.42 -9.20
N PHE A 330 -16.43 -15.17 -8.81
CA PHE A 330 -16.52 -16.60 -8.43
C PHE A 330 -17.28 -17.38 -9.49
N ARG A 331 -17.11 -17.04 -10.76
CA ARG A 331 -17.69 -17.80 -11.87
C ARG A 331 -16.90 -19.08 -12.11
N PHE A 332 -17.51 -19.96 -12.88
CA PHE A 332 -16.92 -21.27 -13.29
C PHE A 332 -16.86 -22.21 -12.10
N LYS A 333 -17.79 -22.07 -11.16
CA LYS A 333 -17.86 -22.89 -9.92
C LYS A 333 -18.47 -24.28 -10.19
N GLN A 334 -19.41 -24.37 -11.13
CA GLN A 334 -20.16 -25.63 -11.44
C GLN A 334 -19.71 -26.17 -12.80
N ASN A 335 -19.63 -27.50 -12.96
CA ASN A 335 -19.26 -28.12 -14.26
C ASN A 335 -20.31 -27.67 -15.31
N THR A 336 -21.55 -27.45 -14.90
CA THR A 336 -22.63 -27.08 -15.85
C THR A 336 -22.42 -25.68 -16.39
N GLU A 337 -21.75 -24.85 -15.61
N GLU A 337 -21.80 -24.75 -15.62
CA GLU A 337 -21.48 -23.48 -16.01
CA GLU A 337 -21.51 -23.38 -16.16
C GLU A 337 -20.41 -23.51 -17.11
C GLU A 337 -20.41 -23.53 -17.21
N TRP A 338 -19.35 -24.32 -16.92
CA TRP A 338 -18.33 -24.58 -17.97
C TRP A 338 -19.04 -25.07 -19.23
N ASP A 339 -19.94 -26.04 -19.08
CA ASP A 339 -20.66 -26.61 -20.24
C ASP A 339 -21.42 -25.51 -21.00
N VAL A 340 -22.27 -24.74 -20.32
CA VAL A 340 -23.21 -23.83 -21.04
C VAL A 340 -22.41 -22.70 -21.68
N GLN A 341 -21.39 -22.19 -21.00
CA GLN A 341 -20.60 -21.09 -21.61
C GLN A 341 -19.79 -21.67 -22.78
N ARG A 342 -19.05 -22.76 -22.58
CA ARG A 342 -18.18 -23.32 -23.63
C ARG A 342 -19.02 -23.67 -24.87
N VAL A 343 -20.06 -24.47 -24.70
CA VAL A 343 -20.74 -25.05 -25.90
C VAL A 343 -21.48 -23.94 -26.65
N ASN A 344 -22.08 -22.97 -25.96
CA ASN A 344 -22.85 -21.92 -26.66
C ASN A 344 -21.85 -21.04 -27.41
N TYR A 345 -20.73 -20.65 -26.79
CA TYR A 345 -19.72 -19.85 -27.52
C TYR A 345 -19.12 -20.63 -28.68
N GLU A 346 -18.84 -21.94 -28.52
CA GLU A 346 -18.35 -22.82 -29.60
C GLU A 346 -19.33 -22.77 -30.81
N ARG A 347 -20.62 -22.80 -30.52
CA ARG A 347 -21.66 -22.76 -31.60
C ARG A 347 -21.53 -21.42 -32.31
N LEU A 348 -21.37 -20.33 -31.57
CA LEU A 348 -21.25 -18.99 -32.15
C LEU A 348 -19.95 -18.91 -32.97
N PHE A 349 -18.82 -19.33 -32.40
CA PHE A 349 -17.55 -19.26 -33.14
C PHE A 349 -17.59 -20.10 -34.43
N GLU A 350 -18.16 -21.28 -34.37
CA GLU A 350 -18.22 -22.21 -35.54
C GLU A 350 -19.01 -21.51 -36.67
N HIS A 351 -20.09 -20.85 -36.31
CA HIS A 351 -20.94 -20.11 -37.29
C HIS A 351 -20.19 -18.90 -37.79
N ILE A 352 -19.70 -18.05 -36.87
CA ILE A 352 -19.07 -16.76 -37.26
C ILE A 352 -17.87 -17.04 -38.16
N ASN A 353 -17.02 -18.01 -37.77
CA ASN A 353 -15.73 -18.25 -38.47
C ASN A 353 -16.00 -18.88 -39.86
N SER A 354 -17.14 -19.53 -40.05
CA SER A 354 -17.48 -20.21 -41.34
C SER A 354 -18.25 -19.26 -42.27
N GLN A 355 -18.69 -18.10 -41.79
CA GLN A 355 -19.46 -17.12 -42.61
C GLN A 355 -18.58 -15.93 -42.97
N ALA A 356 -18.12 -15.86 -44.22
CA ALA A 356 -17.16 -14.85 -44.72
C ALA A 356 -17.70 -13.44 -44.48
N HIS A 357 -19.02 -13.24 -44.52
CA HIS A 357 -19.65 -11.90 -44.50
C HIS A 357 -19.30 -11.17 -43.19
N PHE A 358 -19.07 -11.88 -42.09
CA PHE A 358 -18.72 -11.22 -40.81
C PHE A 358 -17.28 -10.66 -40.83
N ASN A 359 -16.36 -11.31 -41.54
CA ASN A 359 -14.96 -10.85 -41.61
C ASN A 359 -14.39 -10.85 -40.18
N VAL A 360 -14.66 -11.94 -39.46
CA VAL A 360 -14.27 -12.15 -38.04
C VAL A 360 -13.69 -13.56 -37.92
N GLN A 361 -12.60 -13.66 -37.12
CA GLN A 361 -12.08 -14.91 -36.56
C GLN A 361 -12.18 -14.79 -35.05
N ALA A 362 -12.95 -15.67 -34.43
CA ALA A 362 -13.27 -15.61 -33.00
C ALA A 362 -12.90 -16.92 -32.35
N GLN A 363 -12.28 -16.86 -31.17
CA GLN A 363 -11.88 -18.08 -30.43
C GLN A 363 -11.70 -17.72 -28.96
N PHE A 364 -11.74 -18.73 -28.13
CA PHE A 364 -11.24 -18.61 -26.74
C PHE A 364 -9.75 -18.35 -26.82
N GLY A 365 -9.32 -17.48 -25.93
CA GLY A 365 -7.91 -17.14 -25.78
C GLY A 365 -7.55 -16.73 -24.37
N THR A 366 -6.29 -16.36 -24.20
CA THR A 366 -5.76 -15.89 -22.90
C THR A 366 -5.39 -14.41 -23.03
N LEU A 367 -5.01 -13.85 -21.89
CA LEU A 367 -4.64 -12.43 -21.86
C LEU A 367 -3.35 -12.27 -22.63
N GLN A 368 -2.33 -13.09 -22.36
CA GLN A 368 -1.04 -12.94 -23.09
C GLN A 368 -1.30 -13.10 -24.60
N GLU A 369 -2.18 -14.01 -24.99
N GLU A 369 -2.17 -14.04 -25.01
CA GLU A 369 -2.54 -14.21 -26.43
CA GLU A 369 -2.54 -14.25 -26.46
C GLU A 369 -3.03 -12.90 -27.05
C GLU A 369 -3.07 -12.95 -27.07
N TYR A 370 -3.91 -12.20 -26.34
CA TYR A 370 -4.43 -10.91 -26.81
C TYR A 370 -3.25 -9.95 -27.01
N PHE A 371 -2.42 -9.80 -25.96
CA PHE A 371 -1.34 -8.78 -26.02
C PHE A 371 -0.33 -9.14 -27.12
N ASP A 372 -0.04 -10.42 -27.28
CA ASP A 372 0.91 -10.87 -28.32
C ASP A 372 0.35 -10.45 -29.69
N ALA A 373 -0.95 -10.67 -29.91
CA ALA A 373 -1.62 -10.37 -31.20
C ALA A 373 -1.60 -8.86 -31.40
N VAL A 374 -1.86 -8.08 -30.37
CA VAL A 374 -1.86 -6.59 -30.48
C VAL A 374 -0.46 -6.12 -30.88
N HIS A 375 0.57 -6.68 -30.24
N HIS A 375 0.60 -6.69 -30.31
CA HIS A 375 2.02 -6.40 -30.50
CA HIS A 375 1.97 -6.21 -30.59
C HIS A 375 2.28 -6.63 -31.99
C HIS A 375 2.43 -6.69 -31.97
N GLN A 376 1.89 -7.80 -32.48
CA GLN A 376 2.05 -8.18 -33.90
C GLN A 376 1.38 -7.15 -34.81
N ALA A 377 0.20 -6.66 -34.44
CA ALA A 377 -0.56 -5.67 -35.25
C ALA A 377 0.23 -4.36 -35.25
N GLU A 378 0.84 -4.02 -34.12
CA GLU A 378 1.68 -2.80 -33.98
C GLU A 378 2.93 -2.94 -34.85
N ARG A 379 3.61 -4.09 -34.77
CA ARG A 379 4.83 -4.34 -35.59
C ARG A 379 4.44 -4.28 -37.08
N ALA A 380 3.19 -4.64 -37.46
CA ALA A 380 2.73 -4.70 -38.87
C ALA A 380 2.43 -3.30 -39.41
N GLY A 381 2.47 -2.25 -38.56
CA GLY A 381 2.16 -0.86 -38.95
C GLY A 381 0.72 -0.46 -38.74
N GLN A 382 -0.10 -1.29 -38.06
CA GLN A 382 -1.56 -1.01 -37.91
C GLN A 382 -1.78 0.17 -36.97
N ALA A 383 -0.91 0.38 -35.99
CA ALA A 383 -1.19 1.35 -34.91
C ALA A 383 0.09 1.91 -34.32
N GLU A 384 0.01 3.17 -33.87
CA GLU A 384 1.00 3.71 -32.94
C GLU A 384 0.22 4.12 -31.70
N PHE A 385 0.72 3.70 -30.55
CA PHE A 385 0.01 3.93 -29.29
C PHE A 385 0.46 5.24 -28.69
N PRO A 386 -0.45 5.91 -27.99
CA PRO A 386 -0.10 7.10 -27.26
C PRO A 386 0.62 6.80 -25.95
N THR A 387 1.32 7.80 -25.46
CA THR A 387 2.04 7.79 -24.18
C THR A 387 1.19 8.49 -23.14
N LEU A 388 1.33 8.06 -21.90
CA LEU A 388 0.50 8.62 -20.79
C LEU A 388 1.34 8.64 -19.52
N SER A 389 1.17 9.67 -18.72
CA SER A 389 1.61 9.66 -17.31
C SER A 389 0.48 10.18 -16.42
N GLY A 390 0.60 9.83 -15.12
CA GLY A 390 -0.30 10.26 -14.06
C GLY A 390 -1.02 9.08 -13.46
N ASP A 391 -2.08 9.37 -12.77
CA ASP A 391 -2.82 8.30 -12.03
C ASP A 391 -4.32 8.38 -12.37
N PHE A 392 -5.08 7.43 -11.85
CA PHE A 392 -6.53 7.31 -12.05
C PHE A 392 -7.22 7.30 -10.69
N PHE A 393 -6.98 8.36 -9.93
CA PHE A 393 -7.68 8.62 -8.64
C PHE A 393 -8.23 10.01 -8.79
N THR A 394 -9.37 10.32 -8.18
CA THR A 394 -10.25 9.42 -7.45
C THR A 394 -11.33 8.88 -8.39
N TYR A 395 -11.58 7.57 -8.32
CA TYR A 395 -12.56 6.87 -9.16
C TYR A 395 -13.98 7.25 -8.75
N ALA A 396 -14.83 7.39 -9.77
CA ALA A 396 -16.31 7.40 -9.65
C ALA A 396 -16.88 6.45 -10.68
N ASP A 397 -17.78 5.57 -10.26
CA ASP A 397 -18.44 4.64 -11.19
C ASP A 397 -19.72 5.24 -11.76
N ARG A 398 -20.30 6.27 -11.12
CA ARG A 398 -21.55 6.91 -11.62
C ARG A 398 -21.72 8.24 -10.91
N SER A 399 -22.39 9.16 -11.58
CA SER A 399 -22.82 10.48 -11.03
CA SER A 399 -22.85 10.42 -10.95
C SER A 399 -21.73 11.06 -10.10
N ASP A 400 -22.01 11.33 -8.83
CA ASP A 400 -21.05 11.98 -7.90
C ASP A 400 -20.52 10.97 -6.91
N ASN A 401 -20.64 9.69 -7.25
CA ASN A 401 -20.29 8.65 -6.27
C ASN A 401 -18.79 8.37 -6.35
N TYR A 402 -17.98 9.23 -5.76
CA TYR A 402 -16.50 9.09 -5.72
C TYR A 402 -16.10 8.18 -4.56
N TRP A 403 -15.22 7.22 -4.86
CA TRP A 403 -14.77 6.20 -3.92
C TRP A 403 -13.59 6.71 -3.09
N SER A 404 -13.75 7.83 -2.39
CA SER A 404 -12.69 8.32 -1.52
C SER A 404 -12.93 7.91 -0.06
N GLY A 405 -14.04 7.25 0.27
CA GLY A 405 -14.26 6.75 1.63
C GLY A 405 -13.27 5.66 2.01
N TYR A 406 -12.94 4.76 1.10
CA TYR A 406 -12.10 3.61 1.47
C TYR A 406 -10.63 4.02 1.65
N TYR A 407 -10.27 5.30 1.40
CA TYR A 407 -8.97 5.80 1.78
C TYR A 407 -8.83 5.89 3.31
N THR A 408 -9.94 5.79 4.05
CA THR A 408 -9.95 5.93 5.51
C THR A 408 -10.62 4.74 6.22
N SER A 409 -11.53 4.02 5.57
CA SER A 409 -12.38 3.00 6.24
C SER A 409 -11.51 2.02 7.02
N ARG A 410 -11.92 1.64 8.22
CA ARG A 410 -11.19 0.70 9.09
C ARG A 410 -9.74 1.17 9.22
N PRO A 411 -9.53 2.37 9.77
CA PRO A 411 -8.17 2.88 9.91
C PRO A 411 -7.28 2.14 10.91
N TYR A 412 -7.84 1.38 11.87
CA TYR A 412 -7.03 0.59 12.80
C TYR A 412 -6.20 -0.36 11.95
N HIS A 413 -6.82 -1.02 10.97
CA HIS A 413 -6.15 -2.09 10.18
C HIS A 413 -5.20 -1.47 9.15
N LYS A 414 -5.56 -0.27 8.68
CA LYS A 414 -4.65 0.52 7.80
C LYS A 414 -3.34 0.81 8.54
N ARG A 415 -3.43 1.27 9.79
CA ARG A 415 -2.23 1.49 10.64
C ARG A 415 -1.50 0.17 10.91
N MET A 416 -2.23 -0.89 11.20
CA MET A 416 -1.62 -2.20 11.48
C MET A 416 -0.79 -2.64 10.26
N ASP A 417 -1.28 -2.37 9.05
CA ASP A 417 -0.54 -2.72 7.80
C ASP A 417 0.89 -2.14 7.87
N ARG A 418 1.01 -0.87 8.16
CA ARG A 418 2.35 -0.22 8.17
C ARG A 418 3.23 -0.80 9.29
N VAL A 419 2.68 -1.20 10.43
CA VAL A 419 3.43 -1.79 11.54
C VAL A 419 3.97 -3.14 11.06
N LEU A 420 3.11 -3.95 10.47
CA LEU A 420 3.53 -5.31 10.03
C LEU A 420 4.50 -5.17 8.84
N MET A 421 4.34 -4.16 7.97
CA MET A 421 5.33 -3.89 6.89
C MET A 421 6.72 -3.83 7.52
N HIS A 422 6.89 -2.93 8.47
CA HIS A 422 8.19 -2.73 9.16
C HIS A 422 8.68 -4.01 9.86
N TYR A 423 7.80 -4.71 10.57
CA TYR A 423 8.20 -5.92 11.28
C TYR A 423 8.70 -7.02 10.32
N VAL A 424 8.06 -7.16 9.16
CA VAL A 424 8.52 -8.15 8.16
C VAL A 424 9.91 -7.73 7.68
N ARG A 425 10.07 -6.46 7.37
CA ARG A 425 11.37 -6.00 6.86
C ARG A 425 12.44 -6.26 7.90
N ALA A 426 12.17 -5.89 9.14
CA ALA A 426 13.19 -6.03 10.22
C ALA A 426 13.48 -7.51 10.46
N ALA A 427 12.45 -8.37 10.50
CA ALA A 427 12.68 -9.81 10.75
C ALA A 427 13.48 -10.47 9.62
N GLU A 428 13.16 -10.18 8.38
CA GLU A 428 13.88 -10.71 7.21
C GLU A 428 15.33 -10.22 7.27
N MET A 429 15.54 -8.92 7.52
CA MET A 429 16.90 -8.36 7.57
C MET A 429 17.71 -8.97 8.73
N LEU A 430 17.17 -8.95 9.97
CA LEU A 430 17.94 -9.43 11.15
C LEU A 430 18.31 -10.90 10.92
N SER A 431 17.40 -11.69 10.35
CA SER A 431 17.66 -13.14 10.21
C SER A 431 18.51 -13.45 8.97
N ALA A 432 18.62 -12.54 8.02
CA ALA A 432 19.36 -12.77 6.75
C ALA A 432 20.85 -12.92 6.99
N TRP A 433 21.36 -12.33 8.07
CA TRP A 433 22.84 -12.25 8.32
C TRP A 433 23.43 -13.65 8.47
N HIS A 434 22.61 -14.61 8.84
CA HIS A 434 23.06 -16.01 9.04
C HIS A 434 22.16 -17.00 8.33
N SER A 435 22.70 -18.19 8.15
CA SER A 435 21.93 -19.38 7.78
CA SER A 435 21.95 -19.41 7.80
C SER A 435 21.45 -20.03 9.09
N TRP A 436 20.22 -20.48 9.13
CA TRP A 436 19.62 -21.03 10.36
C TRP A 436 19.31 -22.51 10.18
N ASP A 437 19.62 -23.27 11.21
CA ASP A 437 19.18 -24.68 11.27
C ASP A 437 17.66 -24.73 11.06
N GLY A 438 17.16 -25.73 10.34
CA GLY A 438 15.71 -25.87 10.10
C GLY A 438 14.93 -26.02 11.39
N MET A 439 15.56 -26.42 12.51
CA MET A 439 14.84 -26.63 13.79
C MET A 439 14.40 -25.28 14.36
N ALA A 440 15.02 -24.20 13.93
CA ALA A 440 14.70 -22.82 14.38
C ALA A 440 13.39 -22.33 13.75
N ARG A 441 12.99 -22.93 12.63
CA ARG A 441 11.72 -22.60 11.92
C ARG A 441 11.67 -21.10 11.60
N ILE A 442 12.81 -20.51 11.26
CA ILE A 442 12.87 -19.10 10.79
C ILE A 442 12.08 -18.98 9.48
N GLU A 443 12.34 -19.88 8.51
CA GLU A 443 11.72 -19.81 7.19
C GLU A 443 10.20 -19.97 7.32
N GLU A 444 9.72 -20.89 8.16
CA GLU A 444 8.27 -21.10 8.34
C GLU A 444 7.62 -19.82 8.87
N ARG A 445 8.20 -19.20 9.87
CA ARG A 445 7.62 -17.98 10.49
C ARG A 445 7.69 -16.82 9.50
N LEU A 446 8.78 -16.66 8.76
CA LEU A 446 8.86 -15.55 7.77
C LEU A 446 7.89 -15.81 6.60
N GLU A 447 7.69 -17.06 6.17
CA GLU A 447 6.71 -17.32 5.10
C GLU A 447 5.32 -16.98 5.60
N GLN A 448 4.98 -17.35 6.82
CA GLN A 448 3.68 -17.03 7.42
C GLN A 448 3.53 -15.51 7.45
N ALA A 449 4.53 -14.80 7.97
CA ALA A 449 4.40 -13.31 8.11
C ALA A 449 4.22 -12.69 6.71
N ARG A 450 5.05 -13.08 5.74
CA ARG A 450 4.95 -12.51 4.38
C ARG A 450 3.55 -12.72 3.82
N ARG A 451 2.98 -13.93 3.96
CA ARG A 451 1.69 -14.26 3.35
C ARG A 451 0.52 -13.55 4.04
N GLU A 452 0.52 -13.40 5.36
CA GLU A 452 -0.56 -12.68 6.07
C GLU A 452 -0.53 -11.19 5.65
N LEU A 453 0.66 -10.61 5.55
CA LEU A 453 0.81 -9.18 5.08
C LEU A 453 0.34 -9.12 3.61
N SER A 454 0.82 -10.04 2.77
CA SER A 454 0.47 -10.09 1.34
C SER A 454 -1.06 -10.17 1.19
N LEU A 455 -1.70 -11.07 1.94
CA LEU A 455 -3.14 -11.24 1.86
C LEU A 455 -3.83 -9.91 2.11
N PHE A 456 -3.39 -9.21 3.11
CA PHE A 456 -4.05 -7.95 3.51
C PHE A 456 -3.92 -6.85 2.44
N GLN A 457 -3.02 -7.02 1.46
CA GLN A 457 -2.95 -6.03 0.34
C GLN A 457 -4.16 -6.14 -0.59
N HIS A 458 -4.93 -7.23 -0.52
CA HIS A 458 -6.17 -7.42 -1.28
C HIS A 458 -7.01 -6.14 -1.28
N HIS A 459 -7.73 -5.92 -2.39
CA HIS A 459 -8.63 -4.76 -2.54
C HIS A 459 -9.88 -4.83 -1.65
N ASP A 460 -10.05 -5.83 -0.78
CA ASP A 460 -11.02 -5.75 0.35
C ASP A 460 -10.32 -5.89 1.70
N GLY A 461 -8.98 -5.86 1.78
CA GLY A 461 -8.20 -5.99 3.03
C GLY A 461 -7.93 -4.60 3.56
N ILE A 462 -6.80 -4.07 3.13
CA ILE A 462 -6.35 -2.71 3.55
C ILE A 462 -7.42 -1.66 3.29
N THR A 463 -8.21 -1.82 2.24
CA THR A 463 -9.26 -0.90 1.84
C THR A 463 -10.30 -0.71 2.95
N GLY A 464 -10.47 -1.65 3.87
CA GLY A 464 -11.55 -1.53 4.87
C GLY A 464 -12.92 -1.72 4.26
N THR A 465 -13.05 -2.59 3.25
CA THR A 465 -14.32 -2.81 2.54
C THR A 465 -14.82 -4.25 2.73
N ALA A 466 -14.36 -4.95 3.76
CA ALA A 466 -14.85 -6.33 4.05
C ALA A 466 -15.88 -6.37 5.19
N LYS A 467 -16.61 -7.49 5.30
CA LYS A 467 -17.57 -7.67 6.40
C LYS A 467 -16.78 -7.71 7.71
N THR A 468 -17.41 -7.34 8.84
CA THR A 468 -16.76 -7.34 10.15
C THR A 468 -16.00 -8.64 10.47
N HIS A 469 -16.58 -9.85 10.33
CA HIS A 469 -15.84 -11.09 10.68
C HIS A 469 -14.63 -11.28 9.77
N VAL A 470 -14.66 -10.70 8.57
CA VAL A 470 -13.53 -10.87 7.61
C VAL A 470 -12.40 -9.92 8.06
N VAL A 471 -12.76 -8.71 8.52
CA VAL A 471 -11.75 -7.77 9.09
C VAL A 471 -11.12 -8.45 10.33
N VAL A 472 -11.90 -9.13 11.18
CA VAL A 472 -11.40 -9.84 12.38
C VAL A 472 -10.43 -10.93 11.89
N ASP A 473 -10.78 -11.67 10.84
CA ASP A 473 -9.86 -12.70 10.29
C ASP A 473 -8.54 -12.02 9.82
N TYR A 474 -8.62 -10.91 9.09
CA TYR A 474 -7.36 -10.22 8.67
C TYR A 474 -6.51 -9.79 9.89
N GLU A 475 -7.17 -9.22 10.89
CA GLU A 475 -6.50 -8.74 12.14
C GLU A 475 -5.84 -9.89 12.88
N GLN A 476 -6.52 -11.03 13.05
CA GLN A 476 -5.97 -12.21 13.72
C GLN A 476 -4.76 -12.69 12.93
N ARG A 477 -4.87 -12.77 11.61
CA ARG A 477 -3.75 -13.18 10.72
C ARG A 477 -2.58 -12.23 10.93
N MET A 478 -2.84 -10.92 10.90
CA MET A 478 -1.71 -9.97 11.04
C MET A 478 -1.10 -10.03 12.45
N GLN A 479 -1.90 -10.30 13.49
CA GLN A 479 -1.38 -10.45 14.85
C GLN A 479 -0.48 -11.68 14.90
N GLU A 480 -0.89 -12.77 14.31
CA GLU A 480 -0.02 -13.98 14.26
C GLU A 480 1.26 -13.63 13.49
N ALA A 481 1.17 -12.87 12.40
CA ALA A 481 2.37 -12.45 11.62
C ALA A 481 3.30 -11.61 12.51
N LEU A 482 2.78 -10.64 13.25
CA LEU A 482 3.60 -9.79 14.15
C LEU A 482 4.35 -10.65 15.18
N LYS A 483 3.66 -11.63 15.78
CA LYS A 483 4.27 -12.56 16.74
C LYS A 483 5.37 -13.37 16.04
N ALA A 484 5.11 -13.90 14.85
CA ALA A 484 6.12 -14.63 14.05
C ALA A 484 7.35 -13.72 13.85
N CYS A 485 7.16 -12.46 13.49
CA CYS A 485 8.30 -11.54 13.25
C CYS A 485 9.06 -11.29 14.56
N GLN A 486 8.35 -11.05 15.67
CA GLN A 486 8.96 -10.90 17.03
C GLN A 486 9.87 -12.09 17.35
N MET A 487 9.41 -13.31 17.16
CA MET A 487 10.19 -14.53 17.49
C MET A 487 11.47 -14.54 16.62
N VAL A 488 11.39 -14.28 15.32
CA VAL A 488 12.58 -14.27 14.42
C VAL A 488 13.51 -13.13 14.84
N MET A 489 12.98 -11.94 15.11
CA MET A 489 13.82 -10.80 15.42
C MET A 489 14.60 -11.09 16.72
N GLN A 490 13.93 -11.56 17.77
CA GLN A 490 14.60 -11.76 19.10
C GLN A 490 15.66 -12.87 18.99
N GLN A 491 15.37 -14.00 18.36
CA GLN A 491 16.37 -15.04 18.10
C GLN A 491 17.55 -14.41 17.36
N SER A 492 17.29 -13.57 16.35
CA SER A 492 18.36 -13.03 15.48
C SER A 492 19.25 -12.06 16.31
N VAL A 493 18.64 -11.19 17.12
CA VAL A 493 19.40 -10.24 17.94
C VAL A 493 20.31 -11.00 18.93
N TYR A 494 19.79 -12.06 19.57
CA TYR A 494 20.59 -12.82 20.55
C TYR A 494 21.79 -13.41 19.82
N ARG A 495 21.62 -13.92 18.60
CA ARG A 495 22.74 -14.50 17.83
C ARG A 495 23.75 -13.44 17.39
N LEU A 496 23.26 -12.29 16.95
CA LEU A 496 24.16 -11.23 16.43
C LEU A 496 24.99 -10.62 17.56
N LEU A 497 24.51 -10.61 18.81
CA LEU A 497 25.21 -9.86 19.88
C LEU A 497 25.75 -10.79 20.98
N THR A 498 25.75 -12.11 20.77
CA THR A 498 26.35 -13.07 21.72
C THR A 498 27.63 -13.59 21.10
N LYS A 499 28.74 -13.61 21.85
CA LYS A 499 30.00 -14.18 21.31
C LYS A 499 29.72 -15.58 20.81
N PRO A 500 30.20 -15.93 19.61
CA PRO A 500 29.97 -17.26 19.06
C PRO A 500 30.44 -18.37 19.98
N SER A 501 31.48 -18.13 20.80
CA SER A 501 32.02 -19.20 21.68
C SER A 501 30.96 -19.60 22.70
N ILE A 502 30.02 -18.72 23.02
CA ILE A 502 28.97 -18.92 24.05
C ILE A 502 27.61 -19.32 23.44
N TYR A 503 27.33 -18.80 22.25
CA TYR A 503 25.99 -18.91 21.62
C TYR A 503 25.60 -20.37 21.51
N SER A 504 24.56 -20.73 22.26
CA SER A 504 24.03 -22.12 22.32
C SER A 504 22.54 -22.02 22.44
N PRO A 505 21.82 -21.77 21.31
CA PRO A 505 20.44 -21.35 21.41
C PRO A 505 19.44 -22.47 21.72
N ASP A 506 18.42 -22.09 22.44
CA ASP A 506 17.11 -22.77 22.53
C ASP A 506 16.11 -21.97 21.69
N PHE A 507 15.70 -22.53 20.57
CA PHE A 507 14.89 -21.80 19.55
C PHE A 507 13.44 -21.67 20.02
N SER A 508 13.06 -22.24 21.16
CA SER A 508 11.72 -22.03 21.75
C SER A 508 11.80 -20.92 22.80
N PHE A 509 13.00 -20.44 23.13
CA PHE A 509 13.24 -19.52 24.25
C PHE A 509 13.07 -18.07 23.79
N SER A 510 12.50 -17.22 24.65
CA SER A 510 12.44 -15.74 24.50
CA SER A 510 12.43 -15.75 24.51
C SER A 510 13.64 -15.08 25.19
N TYR A 511 14.66 -14.74 24.41
CA TYR A 511 15.90 -14.06 24.83
C TYR A 511 15.58 -12.59 25.02
N PHE A 512 14.68 -12.03 24.21
CA PHE A 512 14.25 -10.62 24.32
C PHE A 512 12.75 -10.54 24.16
N THR A 513 12.15 -9.54 24.82
CA THR A 513 10.78 -9.09 24.53
C THR A 513 10.90 -7.80 23.71
N LEU A 514 10.03 -7.63 22.72
CA LEU A 514 9.98 -6.38 21.93
C LEU A 514 9.24 -5.34 22.76
N ASP A 515 9.63 -4.09 22.62
CA ASP A 515 8.88 -2.97 23.22
C ASP A 515 8.52 -2.05 22.08
N ASP A 516 7.23 -1.90 21.78
CA ASP A 516 6.78 -1.00 20.70
C ASP A 516 5.91 0.08 21.34
N SER A 517 6.39 1.33 21.30
CA SER A 517 5.73 2.53 21.86
C SER A 517 4.57 2.99 20.99
N ARG A 518 4.48 2.55 19.75
CA ARG A 518 3.49 3.17 18.84
C ARG A 518 2.49 2.18 18.27
N TRP A 519 2.58 0.90 18.64
CA TRP A 519 1.55 -0.06 18.18
C TRP A 519 1.34 -1.10 19.29
N PRO A 520 0.09 -1.32 19.74
CA PRO A 520 -1.07 -0.55 19.30
C PRO A 520 -1.10 0.88 19.86
N GLY A 521 -0.19 1.16 20.80
CA GLY A 521 -0.21 2.44 21.52
C GLY A 521 -0.80 2.19 22.91
N SER A 522 -0.15 2.69 23.94
CA SER A 522 -0.54 2.43 25.36
C SER A 522 -1.99 2.88 25.62
N GLY A 523 -2.51 3.92 24.95
CA GLY A 523 -3.90 4.37 25.11
C GLY A 523 -4.90 3.43 24.47
N VAL A 524 -4.43 2.55 23.57
CA VAL A 524 -5.30 1.64 22.79
C VAL A 524 -5.22 0.24 23.45
N GLU A 525 -4.00 -0.13 23.84
CA GLU A 525 -3.73 -1.42 24.51
C GLU A 525 -2.60 -1.21 25.52
N ASP A 526 -2.90 -1.28 26.81
CA ASP A 526 -1.90 -0.95 27.86
C ASP A 526 -1.06 -2.20 28.14
N SER A 527 -0.26 -2.64 27.16
CA SER A 527 0.43 -3.96 27.12
C SER A 527 1.96 -3.82 27.04
N ARG A 528 2.53 -2.62 27.11
CA ARG A 528 4.01 -2.47 27.17
C ARG A 528 4.53 -3.15 28.44
N THR A 529 5.65 -3.86 28.35
CA THR A 529 6.28 -4.51 29.52
C THR A 529 6.96 -3.43 30.34
N THR A 530 6.72 -3.44 31.65
CA THR A 530 7.44 -2.56 32.58
C THR A 530 8.70 -3.29 33.05
N ILE A 531 9.87 -2.72 32.77
CA ILE A 531 11.16 -3.24 33.28
C ILE A 531 11.19 -3.08 34.80
N ILE A 532 11.14 -4.22 35.50
CA ILE A 532 11.15 -4.28 36.98
C ILE A 532 12.61 -4.26 37.42
N LEU A 533 13.01 -3.17 38.04
CA LEU A 533 14.36 -3.04 38.62
C LEU A 533 14.22 -3.00 40.15
N GLY A 534 15.29 -3.32 40.85
CA GLY A 534 15.32 -3.48 42.30
C GLY A 534 16.76 -3.67 42.74
N GLU A 535 17.20 -2.77 43.62
CA GLU A 535 18.53 -2.73 44.29
C GLU A 535 18.96 -4.15 44.70
N ASP A 536 18.00 -4.93 45.23
CA ASP A 536 18.14 -6.39 45.46
C ASP A 536 17.54 -7.13 44.26
N ILE A 537 18.23 -8.18 43.81
CA ILE A 537 17.81 -9.25 42.83
C ILE A 537 17.90 -8.76 41.38
N LEU A 538 17.69 -7.49 41.03
CA LEU A 538 17.84 -7.08 39.59
C LEU A 538 18.05 -5.58 39.43
N PRO A 539 19.28 -5.07 39.65
CA PRO A 539 19.51 -3.64 39.55
C PRO A 539 19.66 -3.07 38.14
N SER A 540 19.98 -3.92 37.17
CA SER A 540 20.25 -3.45 35.78
C SER A 540 19.56 -4.36 34.78
N LYS A 541 19.27 -3.80 33.61
CA LYS A 541 18.65 -4.51 32.48
C LYS A 541 19.33 -4.06 31.17
N HIS A 542 19.74 -5.02 30.33
CA HIS A 542 20.22 -4.80 28.95
C HIS A 542 19.05 -4.53 28.01
N VAL A 543 19.19 -3.51 27.16
CA VAL A 543 18.18 -3.25 26.08
C VAL A 543 18.96 -3.09 24.78
N VAL A 544 18.32 -3.37 23.65
CA VAL A 544 19.05 -3.40 22.37
C VAL A 544 18.16 -2.72 21.34
N MET A 545 18.75 -1.79 20.58
CA MET A 545 18.07 -1.09 19.47
C MET A 545 18.59 -1.64 18.14
N HIS A 546 17.66 -1.86 17.19
CA HIS A 546 17.95 -2.23 15.79
C HIS A 546 17.60 -1.05 14.88
N ASN A 547 18.45 -0.80 13.90
CA ASN A 547 18.24 0.23 12.87
C ASN A 547 18.25 -0.48 11.52
N THR A 548 17.09 -0.63 10.90
CA THR A 548 16.99 -1.31 9.58
C THR A 548 17.52 -0.43 8.44
N LEU A 549 17.59 0.88 8.61
CA LEU A 549 18.08 1.76 7.53
C LEU A 549 19.60 1.69 7.36
N PRO A 550 20.07 1.84 6.12
CA PRO A 550 21.52 1.78 5.85
C PRO A 550 22.32 3.07 6.11
N HIS A 551 22.02 3.77 7.19
CA HIS A 551 22.87 4.89 7.66
C HIS A 551 22.86 4.93 9.18
N TRP A 552 23.88 5.55 9.75
CA TRP A 552 23.93 5.77 11.20
C TRP A 552 22.67 6.56 11.57
N ARG A 553 22.08 6.21 12.69
CA ARG A 553 20.86 6.88 13.14
C ARG A 553 20.99 7.13 14.64
N GLU A 554 20.59 8.31 15.04
CA GLU A 554 20.30 8.69 16.43
C GLU A 554 18.80 8.93 16.47
N GLN A 555 18.13 8.36 17.49
N GLN A 555 18.17 8.38 17.49
CA GLN A 555 16.67 8.49 17.72
CA GLN A 555 16.77 8.71 17.79
C GLN A 555 16.46 8.40 19.24
C GLN A 555 16.58 8.52 19.29
N LEU A 556 15.66 9.28 19.85
CA LEU A 556 15.18 9.05 21.22
C LEU A 556 14.41 7.73 21.22
N VAL A 557 14.66 6.93 22.23
CA VAL A 557 13.87 5.72 22.60
C VAL A 557 13.34 5.88 24.02
N ASP A 558 12.28 5.15 24.36
CA ASP A 558 11.70 5.16 25.72
C ASP A 558 11.43 3.73 26.14
N PHE A 559 11.52 3.48 27.44
CA PHE A 559 11.11 2.21 28.07
C PHE A 559 10.31 2.54 29.32
N TYR A 560 9.40 1.65 29.67
CA TYR A 560 8.71 1.65 30.98
C TYR A 560 9.63 1.00 32.01
N VAL A 561 9.84 1.70 33.12
CA VAL A 561 10.71 1.26 34.25
C VAL A 561 9.91 1.40 35.55
N SER A 562 10.14 0.46 36.48
CA SER A 562 9.32 0.29 37.70
C SER A 562 9.62 1.38 38.72
N SER A 563 10.70 2.15 38.49
CA SER A 563 11.26 3.18 39.39
C SER A 563 11.69 4.44 38.61
N PRO A 564 11.52 5.66 39.18
CA PRO A 564 12.00 6.88 38.52
C PRO A 564 13.50 7.11 38.60
N PHE A 565 14.17 6.36 39.47
CA PHE A 565 15.62 6.52 39.77
C PHE A 565 16.42 5.58 38.87
N VAL A 566 16.54 5.94 37.59
CA VAL A 566 17.13 5.05 36.56
C VAL A 566 18.09 5.88 35.74
N SER A 567 19.27 5.33 35.49
CA SER A 567 20.30 5.97 34.67
C SER A 567 20.73 5.01 33.55
N VAL A 568 21.26 5.58 32.50
CA VAL A 568 21.52 4.84 31.25
C VAL A 568 23.00 4.89 30.96
N THR A 569 23.54 3.75 30.50
CA THR A 569 24.93 3.66 30.02
C THR A 569 24.96 2.81 28.75
N ASP A 570 26.04 2.91 27.99
CA ASP A 570 26.36 1.86 26.99
C ASP A 570 27.01 0.68 27.70
N LEU A 571 27.49 -0.30 26.95
CA LEU A 571 27.98 -1.54 27.57
C LEU A 571 29.41 -1.34 28.10
N ALA A 572 30.12 -0.30 27.63
CA ALA A 572 31.42 0.18 28.17
C ALA A 572 31.21 1.04 29.43
N ASN A 573 29.95 1.27 29.81
CA ASN A 573 29.57 1.97 31.07
C ASN A 573 29.78 3.49 30.91
N ASN A 574 29.86 4.00 29.67
CA ASN A 574 29.77 5.45 29.38
C ASN A 574 28.36 5.96 29.70
N PRO A 575 28.24 7.04 30.51
CA PRO A 575 26.93 7.61 30.82
C PRO A 575 26.24 8.16 29.56
N VAL A 576 24.93 8.05 29.58
CA VAL A 576 24.05 8.54 28.48
C VAL A 576 22.99 9.42 29.10
N GLU A 577 22.95 10.67 28.68
CA GLU A 577 21.93 11.61 29.22
C GLU A 577 20.54 11.02 29.00
N ALA A 578 19.70 11.05 30.02
CA ALA A 578 18.31 10.50 29.96
C ALA A 578 17.35 11.46 30.63
N GLN A 579 16.07 11.21 30.41
CA GLN A 579 14.95 11.99 30.93
C GLN A 579 13.95 10.97 31.44
N VAL A 580 13.39 11.22 32.61
CA VAL A 580 12.26 10.43 33.17
C VAL A 580 11.01 11.31 33.05
N SER A 581 10.00 10.75 32.43
CA SER A 581 8.65 11.35 32.39
C SER A 581 7.69 10.42 33.10
N PRO A 582 6.61 10.98 33.69
CA PRO A 582 5.52 10.17 34.19
C PRO A 582 4.80 9.43 33.06
N VAL A 583 4.14 8.33 33.38
CA VAL A 583 3.22 7.64 32.45
C VAL A 583 1.81 8.19 32.68
N TRP A 584 1.23 8.80 31.64
CA TRP A 584 -0.11 9.41 31.68
C TRP A 584 -1.07 8.56 30.85
N SER A 585 -2.32 8.47 31.28
CA SER A 585 -3.44 7.87 30.52
C SER A 585 -4.64 8.81 30.58
N TRP A 586 -5.54 8.69 29.61
CA TRP A 586 -6.75 9.52 29.48
C TRP A 586 -8.00 8.67 29.75
N HIS A 587 -8.98 9.26 30.45
CA HIS A 587 -10.19 8.57 30.99
C HIS A 587 -11.45 9.39 30.69
N THR A 594 -16.59 14.36 30.87
CA THR A 594 -15.38 15.17 30.55
C THR A 594 -14.14 14.27 30.55
N ILE A 595 -13.12 14.64 29.78
CA ILE A 595 -11.93 13.79 29.48
C ILE A 595 -10.72 14.34 30.22
N HIS A 596 -10.06 13.53 31.06
CA HIS A 596 -8.94 13.99 31.93
C HIS A 596 -7.84 12.94 31.96
N PRO A 597 -6.58 13.39 32.18
CA PRO A 597 -5.44 12.51 32.33
C PRO A 597 -5.16 12.14 33.81
N GLN A 598 -4.51 11.00 34.01
CA GLN A 598 -4.05 10.49 35.34
C GLN A 598 -2.63 9.95 35.21
N GLY A 599 -1.82 10.15 36.24
CA GLY A 599 -0.40 9.77 36.27
C GLY A 599 -0.28 8.42 36.94
N SER A 600 0.63 7.59 36.44
CA SER A 600 0.97 6.27 37.02
C SER A 600 1.91 6.50 38.20
N THR A 601 1.76 5.70 39.25
CA THR A 601 2.77 5.52 40.33
C THR A 601 3.38 4.12 40.17
N THR A 602 2.88 3.29 39.24
CA THR A 602 3.38 1.90 39.02
C THR A 602 4.52 1.92 37.98
N LYS A 603 4.66 2.98 37.17
CA LYS A 603 5.72 2.99 36.13
C LYS A 603 6.03 4.39 35.63
N TYR A 604 7.21 4.51 35.04
CA TYR A 604 7.87 5.76 34.60
C TYR A 604 8.47 5.48 33.22
N ARG A 605 8.62 6.51 32.41
CA ARG A 605 9.26 6.40 31.08
C ARG A 605 10.65 6.93 31.23
N ILE A 606 11.64 6.11 30.90
CA ILE A 606 13.06 6.52 30.74
C ILE A 606 13.30 6.73 29.24
N ILE A 607 13.87 7.88 28.91
CA ILE A 607 13.99 8.41 27.52
C ILE A 607 15.46 8.74 27.30
N PHE A 608 16.05 8.24 26.22
CA PHE A 608 17.46 8.58 25.91
C PHE A 608 17.69 8.42 24.41
N LYS A 609 18.77 9.05 23.94
CA LYS A 609 19.18 8.99 22.50
C LYS A 609 20.00 7.73 22.25
N ALA A 610 19.49 6.84 21.41
CA ALA A 610 20.18 5.66 20.95
C ALA A 610 20.92 5.98 19.66
N ARG A 611 22.18 5.60 19.61
CA ARG A 611 23.02 5.68 18.41
C ARG A 611 23.28 4.28 17.87
N VAL A 612 22.84 4.02 16.62
CA VAL A 612 22.80 2.63 16.09
C VAL A 612 23.43 2.63 14.72
N PRO A 613 24.31 1.66 14.44
CA PRO A 613 24.93 1.59 13.13
C PRO A 613 23.93 1.32 12.02
N PRO A 614 24.36 1.54 10.77
CA PRO A 614 23.56 1.21 9.59
C PRO A 614 23.24 -0.27 9.63
N MET A 615 21.97 -0.64 9.42
CA MET A 615 21.56 -2.07 9.41
C MET A 615 22.18 -2.78 10.63
N GLY A 616 22.10 -2.11 11.75
CA GLY A 616 22.85 -2.59 12.91
C GLY A 616 22.12 -2.58 14.23
N LEU A 617 22.89 -2.87 15.31
CA LEU A 617 22.38 -3.02 16.67
C LEU A 617 23.30 -2.29 17.64
N ALA A 618 22.72 -1.78 18.70
CA ALA A 618 23.43 -1.12 19.83
C ALA A 618 22.82 -1.55 21.15
N THR A 619 23.68 -1.85 22.14
CA THR A 619 23.25 -2.31 23.47
C THR A 619 23.45 -1.17 24.50
N TYR A 620 22.42 -0.95 25.32
CA TYR A 620 22.43 -0.01 26.47
C TYR A 620 21.99 -0.73 27.73
N VAL A 621 22.28 -0.12 28.89
CA VAL A 621 21.99 -0.72 30.21
C VAL A 621 21.19 0.31 31.02
N LEU A 622 20.06 -0.11 31.59
CA LEU A 622 19.22 0.66 32.52
C LEU A 622 19.61 0.23 33.94
N THR A 623 19.96 1.15 34.85
CA THR A 623 20.46 0.79 36.21
C THR A 623 19.67 1.55 37.27
N ILE A 624 19.12 0.85 38.27
CA ILE A 624 18.36 1.53 39.36
C ILE A 624 19.34 2.21 40.31
N SER A 625 18.88 3.26 41.02
CA SER A 625 19.60 3.81 42.19
C SER A 625 18.58 4.21 43.27
N ASP A 626 19.05 4.54 44.47
CA ASP A 626 18.17 4.78 45.65
C ASP A 626 17.67 6.23 45.59
N SER A 627 18.27 7.04 44.71
CA SER A 627 18.00 8.49 44.55
C SER A 627 18.29 8.95 43.10
N LYS A 628 17.97 10.22 42.80
CA LYS A 628 18.09 10.81 41.44
C LYS A 628 19.54 10.70 41.00
N PRO A 629 19.85 9.99 39.89
CA PRO A 629 21.22 9.83 39.42
C PRO A 629 21.67 11.11 38.68
N GLU A 630 22.96 11.22 38.38
CA GLU A 630 23.60 12.46 37.88
C GLU A 630 23.13 12.84 36.46
N HIS A 631 22.91 11.84 35.60
CA HIS A 631 22.76 12.03 34.12
C HIS A 631 21.29 11.88 33.69
N THR A 632 20.35 11.83 34.63
CA THR A 632 18.90 11.70 34.38
C THR A 632 18.24 12.98 34.87
N SER A 633 17.52 13.68 33.98
CA SER A 633 16.65 14.83 34.32
C SER A 633 15.22 14.35 34.47
N TYR A 634 14.36 15.18 35.04
CA TYR A 634 12.96 14.89 35.36
C TYR A 634 12.10 15.97 34.73
N ALA A 635 11.16 15.56 33.87
CA ALA A 635 10.19 16.46 33.24
C ALA A 635 9.34 17.11 34.33
N SER A 636 8.97 18.36 34.12
CA SER A 636 7.86 19.01 34.87
C SER A 636 6.55 18.73 34.14
N ASN A 637 5.45 18.78 34.87
CA ASN A 637 4.09 18.52 34.33
C ASN A 637 3.15 19.65 34.78
N LEU A 638 2.44 20.24 33.82
CA LEU A 638 1.45 21.30 34.08
C LEU A 638 0.09 20.88 33.53
N LEU A 639 -0.93 20.87 34.39
CA LEU A 639 -2.32 20.54 34.05
C LEU A 639 -3.09 21.85 33.94
N LEU A 640 -3.61 22.20 32.74
CA LEU A 640 -4.40 23.43 32.50
C LEU A 640 -5.87 23.06 32.28
N ARG A 641 -6.78 23.70 33.02
CA ARG A 641 -8.22 23.36 33.07
C ARG A 641 -9.01 24.59 33.55
N LYS A 642 -10.15 24.90 32.92
CA LYS A 642 -11.00 26.09 33.28
C LYS A 642 -11.60 25.89 34.67
N ASP A 655 6.74 17.92 41.69
CA ASP A 655 5.25 17.92 41.83
C ASP A 655 4.57 18.47 40.57
N VAL A 656 3.47 17.84 40.17
CA VAL A 656 2.55 18.36 39.13
C VAL A 656 2.04 19.76 39.54
N LYS A 657 2.01 20.69 38.57
CA LYS A 657 1.50 22.09 38.69
C LYS A 657 0.12 22.19 38.03
N PHE A 658 -0.68 23.16 38.47
CA PHE A 658 -2.07 23.40 38.00
C PHE A 658 -2.18 24.85 37.55
N GLY A 659 -3.06 25.13 36.59
CA GLY A 659 -3.23 26.48 36.02
C GLY A 659 -4.53 26.61 35.27
N ASP A 660 -5.07 27.83 35.22
CA ASP A 660 -6.14 28.22 34.29
C ASP A 660 -5.61 28.01 32.86
N PRO A 661 -6.51 27.84 31.86
CA PRO A 661 -6.08 27.71 30.47
C PRO A 661 -5.31 28.95 29.99
N ARG A 662 -4.29 28.73 29.17
CA ARG A 662 -3.45 29.83 28.65
C ARG A 662 -2.67 29.33 27.42
N GLU A 663 -2.32 30.27 26.54
CA GLU A 663 -1.41 29.98 25.40
C GLU A 663 -0.05 29.60 25.97
N ILE A 664 0.64 28.65 25.34
CA ILE A 664 1.96 28.21 25.85
C ILE A 664 2.88 28.08 24.65
N SER A 665 4.16 28.26 24.93
CA SER A 665 5.27 28.13 23.96
CA SER A 665 5.24 28.06 23.93
C SER A 665 6.30 27.14 24.51
N LEU A 666 6.81 26.27 23.66
CA LEU A 666 7.76 25.22 24.02
C LEU A 666 8.83 25.15 22.94
N ARG A 667 10.02 24.80 23.38
CA ARG A 667 11.16 24.51 22.50
C ARG A 667 11.96 23.39 23.14
N VAL A 668 12.19 22.32 22.39
CA VAL A 668 13.15 21.26 22.79
C VAL A 668 14.41 21.39 21.95
N GLY A 669 15.58 21.33 22.60
CA GLY A 669 16.85 21.24 21.89
C GLY A 669 17.08 22.47 21.01
N ASN A 670 17.62 22.25 19.83
CA ASN A 670 17.94 23.31 18.86
C ASN A 670 16.80 23.31 17.83
N GLY A 671 15.65 22.73 18.21
CA GLY A 671 14.54 22.32 17.31
C GLY A 671 13.66 23.54 17.17
N PRO A 672 12.47 23.48 16.52
CA PRO A 672 11.68 24.69 16.38
C PRO A 672 10.96 25.05 17.68
N THR A 673 10.42 26.27 17.71
CA THR A 673 9.59 26.75 18.84
C THR A 673 8.13 26.69 18.44
N LEU A 674 7.28 26.02 19.23
CA LEU A 674 5.86 25.83 18.87
C LEU A 674 5.01 26.56 19.90
N ALA A 675 3.97 27.23 19.42
CA ALA A 675 2.99 27.90 20.29
C ALA A 675 1.68 27.16 20.14
N PHE A 676 0.94 27.08 21.23
CA PHE A 676 -0.33 26.33 21.34
C PHE A 676 -1.41 27.26 21.85
N SER A 677 -2.63 27.10 21.33
CA SER A 677 -3.84 27.78 21.84
C SER A 677 -4.19 27.33 23.27
N GLU A 678 -5.13 28.05 23.88
CA GLU A 678 -5.69 27.69 25.20
C GLU A 678 -6.30 26.27 25.16
N GLN A 679 -6.69 25.75 23.99
CA GLN A 679 -7.25 24.37 23.90
C GLN A 679 -6.19 23.34 23.53
N GLY A 680 -4.89 23.69 23.56
CA GLY A 680 -3.83 22.68 23.43
C GLY A 680 -3.52 22.31 21.99
N LEU A 681 -3.94 23.14 21.04
CA LEU A 681 -3.73 22.88 19.60
C LEU A 681 -2.67 23.84 19.08
N LEU A 682 -1.80 23.34 18.21
CA LEU A 682 -0.76 24.19 17.58
C LEU A 682 -1.41 25.44 17.00
N LYS A 683 -0.73 26.59 17.14
CA LYS A 683 -1.11 27.85 16.46
C LYS A 683 0.06 28.46 15.68
N SER A 684 1.31 28.17 16.03
CA SER A 684 2.42 28.75 15.23
C SER A 684 3.71 27.97 15.43
N ILE A 685 4.56 28.04 14.43
CA ILE A 685 5.90 27.40 14.40
C ILE A 685 6.91 28.51 14.11
N GLN A 686 7.95 28.58 14.93
CA GLN A 686 9.13 29.44 14.71
C GLN A 686 10.32 28.49 14.49
N LEU A 687 10.84 28.44 13.26
CA LEU A 687 11.87 27.44 12.89
C LEU A 687 13.19 27.73 13.60
N THR A 688 13.59 29.01 13.67
CA THR A 688 14.91 29.37 14.22
C THR A 688 14.72 30.61 15.08
N GLN A 689 15.74 30.97 15.84
CA GLN A 689 15.61 32.13 16.76
C GLN A 689 15.41 33.42 15.97
N ASP A 690 15.87 33.45 14.72
CA ASP A 690 15.90 34.68 13.89
C ASP A 690 14.83 34.60 12.81
N SER A 691 13.93 33.63 12.88
CA SER A 691 12.84 33.56 11.88
C SER A 691 11.53 34.00 12.54
N PRO A 692 10.51 34.35 11.73
CA PRO A 692 9.20 34.74 12.25
C PRO A 692 8.37 33.55 12.76
N HIS A 693 7.42 33.81 13.67
CA HIS A 693 6.39 32.84 14.12
C HIS A 693 5.41 32.70 12.96
N VAL A 694 5.35 31.51 12.34
CA VAL A 694 4.55 31.27 11.11
C VAL A 694 3.24 30.64 11.57
N PRO A 695 2.06 31.24 11.29
CA PRO A 695 0.81 30.62 11.76
C PRO A 695 0.63 29.23 11.13
N VAL A 696 0.38 28.24 11.99
CA VAL A 696 0.07 26.86 11.58
C VAL A 696 -0.92 26.37 12.63
N HIS A 697 -2.19 26.30 12.26
CA HIS A 697 -3.29 25.99 13.19
C HIS A 697 -3.78 24.57 12.93
N PHE A 698 -3.81 23.73 13.96
CA PHE A 698 -4.51 22.42 13.94
C PHE A 698 -5.96 22.62 14.39
N LYS A 699 -6.91 21.99 13.68
CA LYS A 699 -8.36 22.04 13.95
C LYS A 699 -8.94 20.65 13.71
N PHE A 700 -9.92 20.27 14.51
CA PHE A 700 -10.69 19.01 14.29
C PHE A 700 -12.10 19.38 13.85
N LEU A 701 -12.58 18.76 12.76
CA LEU A 701 -13.91 19.07 12.18
C LEU A 701 -14.60 17.75 11.89
N LYS A 702 -15.88 17.82 11.54
CA LYS A 702 -16.70 16.61 11.29
C LYS A 702 -17.45 16.78 9.96
N TYR A 703 -17.48 15.71 9.17
CA TYR A 703 -18.43 15.58 8.05
C TYR A 703 -19.58 14.66 8.44
N GLY A 704 -20.74 14.92 7.85
CA GLY A 704 -21.97 14.12 7.99
C GLY A 704 -22.38 13.41 6.71
N VAL A 705 -23.53 12.78 6.79
CA VAL A 705 -24.14 11.92 5.73
C VAL A 705 -25.41 12.63 5.24
N ARG A 706 -25.70 12.48 3.96
CA ARG A 706 -26.87 13.14 3.30
C ARG A 706 -28.16 12.51 3.84
N SER A 707 -29.09 13.41 4.14
CA SER A 707 -30.44 13.02 4.61
C SER A 707 -31.28 12.49 3.44
N HIS A 708 -31.12 13.02 2.24
CA HIS A 708 -32.00 12.71 1.07
C HIS A 708 -31.21 11.99 -0.04
N GLY A 709 -29.99 12.39 -0.29
CA GLY A 709 -29.21 11.78 -1.38
C GLY A 709 -28.67 10.36 -1.13
N ASP A 710 -27.75 9.98 -1.98
CA ASP A 710 -26.94 8.75 -1.77
C ASP A 710 -26.19 8.89 -0.44
N ARG A 711 -26.03 7.78 0.27
CA ARG A 711 -25.41 7.72 1.61
C ARG A 711 -23.97 7.19 1.49
N SER A 712 -23.06 7.83 2.20
CA SER A 712 -21.68 7.34 2.45
C SER A 712 -21.72 5.95 3.03
N GLY A 713 -20.78 5.12 2.59
CA GLY A 713 -20.56 3.82 3.21
C GLY A 713 -19.05 3.53 3.27
N ALA A 714 -18.65 2.27 3.33
CA ALA A 714 -17.23 1.89 3.40
C ALA A 714 -16.48 2.41 2.16
N TYR A 715 -17.14 2.52 1.02
CA TYR A 715 -16.48 2.88 -0.25
C TYR A 715 -16.57 4.37 -0.53
N LEU A 716 -17.83 4.86 -0.51
CA LEU A 716 -18.15 6.21 -1.01
C LEU A 716 -18.05 7.22 0.12
N PHE A 717 -17.53 8.39 -0.23
CA PHE A 717 -17.55 9.59 0.63
C PHE A 717 -18.54 10.56 0.01
N LEU A 718 -19.69 10.79 0.66
CA LEU A 718 -20.79 11.62 0.09
C LEU A 718 -21.20 12.63 1.17
N PRO A 719 -20.32 13.59 1.46
CA PRO A 719 -20.55 14.52 2.57
C PRO A 719 -21.78 15.38 2.30
N ASN A 720 -22.44 15.79 3.39
CA ASN A 720 -23.62 16.67 3.39
C ASN A 720 -23.16 18.11 3.61
N GLY A 721 -22.17 18.52 2.82
CA GLY A 721 -21.59 19.87 2.85
C GLY A 721 -20.20 19.89 3.49
N PRO A 722 -19.63 21.10 3.58
CA PRO A 722 -18.34 21.34 4.23
C PRO A 722 -18.38 20.82 5.66
N ALA A 723 -17.17 20.49 6.17
CA ALA A 723 -16.98 20.01 7.56
C ALA A 723 -17.26 21.13 8.57
N SER A 724 -17.82 20.75 9.70
CA SER A 724 -18.17 21.71 10.80
C SER A 724 -17.26 21.44 11.99
N PRO A 725 -16.81 22.50 12.69
CA PRO A 725 -15.93 22.36 13.85
C PRO A 725 -16.44 21.37 14.89
N VAL A 726 -15.56 20.53 15.42
CA VAL A 726 -15.85 19.65 16.58
C VAL A 726 -16.00 20.58 17.78
N GLU A 727 -16.98 20.29 18.62
CA GLU A 727 -17.27 21.06 19.86
C GLU A 727 -16.27 20.58 20.93
N LEU A 728 -15.47 21.47 21.51
CA LEU A 728 -14.26 21.08 22.30
C LEU A 728 -14.59 20.94 23.80
N PRO A 731 -11.54 21.72 27.53
CA PRO A 731 -10.79 20.47 27.73
C PRO A 731 -9.60 20.62 28.68
N VAL A 732 -9.07 19.51 29.16
CA VAL A 732 -7.85 19.49 30.00
C VAL A 732 -6.65 19.44 29.06
N VAL A 733 -5.69 20.34 29.27
CA VAL A 733 -4.41 20.36 28.51
C VAL A 733 -3.27 19.90 29.42
N LEU A 734 -2.62 18.80 29.07
CA LEU A 734 -1.43 18.34 29.81
C LEU A 734 -0.15 18.78 29.09
N VAL A 735 0.69 19.55 29.76
CA VAL A 735 2.02 19.97 29.25
C VAL A 735 3.09 19.25 30.05
N THR A 736 3.92 18.44 29.39
CA THR A 736 5.11 17.81 29.99
C THR A 736 6.34 18.44 29.37
N LYS A 737 7.22 19.03 30.18
CA LYS A 737 8.38 19.77 29.67
C LYS A 737 9.67 19.11 30.11
N GLY A 738 10.45 18.65 29.14
CA GLY A 738 11.72 17.99 29.44
C GLY A 738 12.83 18.50 28.58
N LYS A 739 14.03 18.15 29.00
CA LYS A 739 15.26 18.56 28.30
C LYS A 739 15.32 17.81 26.97
N LEU A 740 14.87 16.55 26.96
CA LEU A 740 15.00 15.68 25.77
C LEU A 740 13.67 15.60 25.01
N GLU A 741 12.56 15.68 25.70
CA GLU A 741 11.24 15.49 25.11
C GLU A 741 10.21 16.29 25.89
N SER A 742 9.41 17.06 25.16
CA SER A 742 8.24 17.76 25.72
C SER A 742 7.00 17.36 24.93
N SER A 743 5.83 17.56 25.51
CA SER A 743 4.58 17.32 24.77
CA SER A 743 4.54 17.17 24.90
C SER A 743 3.42 18.10 25.37
N VAL A 744 2.48 18.40 24.48
CA VAL A 744 1.16 19.04 24.79
C VAL A 744 0.10 18.04 24.37
N SER A 745 -0.72 17.59 25.31
CA SER A 745 -1.82 16.62 25.07
C SER A 745 -3.13 17.28 25.48
N VAL A 746 -4.18 17.06 24.68
CA VAL A 746 -5.52 17.58 25.03
C VAL A 746 -6.58 16.51 24.77
N GLY A 747 -7.45 16.31 25.76
CA GLY A 747 -8.56 15.36 25.64
C GLY A 747 -9.75 16.02 25.01
N LEU A 748 -9.93 15.84 23.71
CA LEU A 748 -11.11 16.36 23.00
C LEU A 748 -12.11 15.23 22.82
N PRO A 749 -13.36 15.59 22.50
CA PRO A 749 -14.39 14.61 22.16
C PRO A 749 -13.84 13.81 20.97
N SER A 750 -13.73 12.51 21.17
CA SER A 750 -13.40 11.53 20.10
C SER A 750 -11.90 11.50 19.82
N VAL A 751 -11.11 12.47 20.30
CA VAL A 751 -9.65 12.46 19.96
C VAL A 751 -8.84 12.96 21.16
N VAL A 752 -7.90 12.15 21.65
CA VAL A 752 -6.79 12.65 22.49
C VAL A 752 -5.67 13.05 21.52
N HIS A 753 -5.43 14.35 21.42
CA HIS A 753 -4.47 14.97 20.46
C HIS A 753 -3.18 15.34 21.17
N GLN A 754 -2.04 14.85 20.65
CA GLN A 754 -0.74 15.05 21.31
C GLN A 754 0.28 15.57 20.30
N THR A 755 0.96 16.65 20.66
CA THR A 755 2.11 17.16 19.91
C THR A 755 3.38 16.93 20.71
N ILE A 756 4.32 16.18 20.14
CA ILE A 756 5.55 15.77 20.84
C ILE A 756 6.73 16.46 20.18
N MET A 757 7.60 17.02 21.01
CA MET A 757 8.82 17.72 20.54
C MET A 757 10.08 17.03 21.05
N ARG A 758 10.99 16.66 20.13
CA ARG A 758 12.25 15.98 20.42
C ARG A 758 13.44 16.74 19.83
N GLY A 759 13.23 17.92 19.27
CA GLY A 759 14.34 18.74 18.73
C GLY A 759 14.37 18.91 17.24
N GLY A 760 13.43 18.34 16.51
CA GLY A 760 13.20 18.70 15.08
C GLY A 760 11.71 18.74 14.80
N ALA A 761 11.28 18.21 13.67
CA ALA A 761 9.86 18.27 13.29
C ALA A 761 9.04 17.60 14.40
N PRO A 762 7.98 18.21 14.90
CA PRO A 762 7.15 17.53 15.90
C PRO A 762 6.51 16.26 15.35
N GLU A 763 6.20 15.41 16.29
CA GLU A 763 5.37 14.22 16.08
CA GLU A 763 5.39 14.19 16.10
C GLU A 763 3.97 14.46 16.63
N ILE A 764 2.95 14.18 15.83
CA ILE A 764 1.53 14.31 16.24
C ILE A 764 1.01 12.89 16.45
N ARG A 765 0.37 12.66 17.58
CA ARG A 765 -0.32 11.37 17.86
C ARG A 765 -1.77 11.67 18.20
N ASN A 766 -2.68 11.03 17.49
CA ASN A 766 -4.13 11.15 17.77
C ASN A 766 -4.64 9.78 18.22
N LEU A 767 -5.13 9.69 19.46
CA LEU A 767 -5.89 8.51 19.92
C LEU A 767 -7.34 8.76 19.55
N VAL A 768 -7.81 8.12 18.49
CA VAL A 768 -9.11 8.46 17.86
C VAL A 768 -10.12 7.41 18.28
N ASP A 769 -11.20 7.88 18.91
CA ASP A 769 -12.29 6.99 19.38
C ASP A 769 -13.60 7.63 18.98
N ILE A 770 -14.11 7.29 17.81
CA ILE A 770 -15.35 7.87 17.24
C ILE A 770 -16.58 7.33 17.98
N GLY A 771 -16.39 6.34 18.85
CA GLY A 771 -17.43 5.88 19.79
C GLY A 771 -18.67 5.51 19.04
N SER A 772 -19.81 6.06 19.42
CA SER A 772 -21.10 5.73 18.77
C SER A 772 -21.64 6.91 17.95
N LEU A 773 -20.74 7.78 17.45
CA LEU A 773 -21.10 8.93 16.60
C LEU A 773 -21.44 8.44 15.18
N ASP A 774 -22.63 7.88 15.02
CA ASP A 774 -23.15 7.41 13.72
C ASP A 774 -23.08 8.54 12.69
N ASN A 775 -22.76 8.17 11.47
CA ASN A 775 -22.83 9.06 10.28
C ASN A 775 -21.95 10.28 10.53
N THR A 776 -20.74 10.03 11.00
CA THR A 776 -19.72 11.05 11.31
C THR A 776 -18.37 10.65 10.71
N GLU A 777 -17.64 11.62 10.15
CA GLU A 777 -16.25 11.41 9.69
C GLU A 777 -15.46 12.52 10.36
N ILE A 778 -14.43 12.16 11.14
CA ILE A 778 -13.63 13.15 11.90
C ILE A 778 -12.43 13.49 11.01
N VAL A 779 -12.19 14.78 10.78
CA VAL A 779 -11.06 15.25 9.94
C VAL A 779 -10.14 16.11 10.80
N MET A 780 -8.85 16.00 10.55
CA MET A 780 -7.84 16.85 11.16
C MET A 780 -7.39 17.81 10.06
N ARG A 781 -7.50 19.11 10.32
CA ARG A 781 -7.18 20.14 9.33
C ARG A 781 -6.06 21.08 9.83
N LEU A 782 -5.19 21.45 8.91
CA LEU A 782 -4.11 22.45 9.12
C LEU A 782 -4.44 23.69 8.33
N GLU A 783 -4.38 24.87 8.99
CA GLU A 783 -4.68 26.18 8.37
C GLU A 783 -3.43 27.06 8.47
N THR A 784 -2.98 27.56 7.34
CA THR A 784 -1.77 28.41 7.22
C THR A 784 -2.05 29.57 6.29
N HIS A 785 -1.09 30.50 6.20
N HIS A 785 -1.07 30.49 6.21
CA HIS A 785 -1.08 31.58 5.17
CA HIS A 785 -1.03 31.56 5.18
C HIS A 785 -0.26 31.17 3.95
C HIS A 785 -0.08 31.20 4.05
N ILE A 786 0.15 29.91 3.81
CA ILE A 786 0.92 29.48 2.61
C ILE A 786 0.03 29.71 1.39
N ASP A 787 0.51 30.49 0.42
CA ASP A 787 -0.29 30.87 -0.77
C ASP A 787 -0.21 29.74 -1.80
N SER A 788 -0.80 28.59 -1.48
CA SER A 788 -0.71 27.43 -2.39
C SER A 788 -1.79 27.47 -3.47
N GLY A 789 -2.82 28.31 -3.32
CA GLY A 789 -3.87 28.47 -4.37
C GLY A 789 -4.71 27.21 -4.44
N ASP A 790 -4.66 26.53 -5.57
CA ASP A 790 -5.43 25.27 -5.80
C ASP A 790 -4.48 24.11 -5.97
N ILE A 791 -3.20 24.24 -5.64
CA ILE A 791 -2.19 23.16 -5.88
C ILE A 791 -1.87 22.49 -4.54
N PHE A 792 -1.74 21.15 -4.55
CA PHE A 792 -1.19 20.44 -3.38
C PHE A 792 -0.62 19.11 -3.91
N TYR A 793 0.11 18.42 -3.06
CA TYR A 793 0.84 17.19 -3.44
C TYR A 793 0.43 16.10 -2.47
N THR A 794 0.25 14.91 -2.99
CA THR A 794 0.00 13.73 -2.18
C THR A 794 0.89 12.64 -2.74
N ASP A 795 1.10 11.59 -1.99
CA ASP A 795 1.96 10.50 -2.50
C ASP A 795 1.14 9.35 -3.06
N LEU A 796 1.84 8.52 -3.83
CA LEU A 796 1.33 7.26 -4.38
C LEU A 796 2.18 6.17 -3.76
N ASN A 797 1.54 5.35 -2.95
CA ASN A 797 2.10 4.07 -2.45
C ASN A 797 3.42 4.32 -1.68
N GLY A 798 3.66 5.52 -1.11
CA GLY A 798 4.92 5.74 -0.39
C GLY A 798 6.11 5.82 -1.34
N LEU A 799 5.88 5.91 -2.66
CA LEU A 799 6.96 5.87 -3.69
C LEU A 799 7.24 7.27 -4.27
N GLN A 800 6.20 8.04 -4.53
CA GLN A 800 6.35 9.26 -5.36
C GLN A 800 5.27 10.22 -4.91
N PHE A 801 5.58 11.51 -5.09
CA PHE A 801 4.60 12.56 -4.84
C PHE A 801 4.10 13.11 -6.17
N ILE A 802 2.78 13.24 -6.23
CA ILE A 802 2.07 13.66 -7.47
C ILE A 802 1.34 14.96 -7.21
N LYS A 803 1.45 15.87 -8.17
CA LYS A 803 0.77 17.18 -8.07
CA LYS A 803 0.77 17.18 -8.07
C LYS A 803 -0.73 16.99 -8.27
N ARG A 804 -1.51 17.59 -7.39
CA ARG A 804 -2.98 17.62 -7.42
C ARG A 804 -3.40 19.06 -7.66
N ARG A 805 -4.48 19.25 -8.44
CA ARG A 805 -5.14 20.57 -8.51
C ARG A 805 -6.56 20.42 -7.98
N ARG A 806 -6.92 21.19 -6.97
CA ARG A 806 -8.30 21.28 -6.47
C ARG A 806 -9.17 21.77 -7.63
N LEU A 807 -10.27 21.11 -7.91
CA LEU A 807 -11.18 21.50 -9.04
C LEU A 807 -12.54 21.86 -8.46
N ASP A 808 -12.86 23.16 -8.40
CA ASP A 808 -14.18 23.59 -7.88
C ASP A 808 -15.32 23.10 -8.77
N LYS A 809 -15.05 22.64 -10.00
CA LYS A 809 -16.09 22.07 -10.88
C LYS A 809 -16.46 20.65 -10.42
N LEU A 810 -15.65 20.05 -9.53
CA LEU A 810 -16.00 18.71 -9.01
C LEU A 810 -16.51 18.81 -7.58
N PRO A 811 -17.25 17.82 -7.10
CA PRO A 811 -17.66 17.85 -5.70
C PRO A 811 -16.50 17.64 -4.73
N LEU A 812 -16.73 18.02 -3.49
CA LEU A 812 -15.75 17.93 -2.38
C LEU A 812 -15.06 16.56 -2.40
N GLN A 813 -15.85 15.48 -2.44
CA GLN A 813 -15.33 14.10 -2.35
C GLN A 813 -14.40 13.76 -3.53
N ALA A 814 -14.50 14.43 -4.67
CA ALA A 814 -13.63 14.20 -5.85
C ALA A 814 -12.27 14.85 -5.60
N ASN A 815 -12.22 15.78 -4.65
CA ASN A 815 -10.96 16.50 -4.35
C ASN A 815 -10.23 15.83 -3.19
N TYR A 816 -10.73 14.66 -2.75
CA TYR A 816 -10.06 13.79 -1.75
C TYR A 816 -9.25 12.72 -2.50
N TYR A 817 -8.00 12.52 -2.09
CA TYR A 817 -7.01 11.62 -2.73
C TYR A 817 -6.48 10.74 -1.62
N PRO A 818 -5.92 9.59 -1.99
CA PRO A 818 -5.21 8.81 -1.00
C PRO A 818 -4.02 9.57 -0.41
N ILE A 819 -3.80 9.45 0.89
CA ILE A 819 -2.56 9.92 1.56
C ILE A 819 -1.90 8.71 2.18
N PRO A 820 -1.25 7.89 1.33
CA PRO A 820 -0.67 6.68 1.86
C PRO A 820 0.54 6.93 2.76
N SER A 821 1.31 8.03 2.58
N SER A 821 1.28 8.03 2.56
CA SER A 821 2.43 8.34 3.49
CA SER A 821 2.52 8.34 3.31
C SER A 821 2.71 9.84 3.63
C SER A 821 2.57 9.82 3.69
N GLY A 822 2.11 10.68 2.79
CA GLY A 822 2.31 12.13 3.04
C GLY A 822 1.62 13.04 2.07
N MET A 823 1.68 14.34 2.41
CA MET A 823 1.01 15.36 1.59
C MET A 823 1.68 16.68 1.92
N PHE A 824 1.69 17.59 0.97
CA PHE A 824 2.27 18.94 1.27
C PHE A 824 1.64 20.01 0.44
N ILE A 825 1.80 21.24 0.93
CA ILE A 825 1.46 22.46 0.16
C ILE A 825 2.68 23.39 0.21
N GLU A 826 2.80 24.28 -0.77
CA GLU A 826 3.94 25.20 -0.76
C GLU A 826 3.57 26.46 -1.53
N ASP A 827 4.29 27.53 -1.25
CA ASP A 827 4.28 28.74 -2.11
C ASP A 827 5.71 29.00 -2.56
N ALA A 828 6.05 30.23 -2.95
CA ALA A 828 7.41 30.52 -3.40
C ALA A 828 8.44 30.39 -2.26
N ASN A 829 8.05 30.55 -0.99
CA ASN A 829 9.00 30.62 0.17
C ASN A 829 8.85 29.45 1.15
N THR A 830 7.65 28.90 1.31
CA THR A 830 7.30 28.09 2.49
C THR A 830 6.57 26.81 2.04
N ARG A 831 6.95 25.70 2.65
CA ARG A 831 6.26 24.38 2.48
C ARG A 831 5.82 23.86 3.84
N LEU A 832 4.68 23.19 3.88
CA LEU A 832 4.27 22.40 5.04
C LEU A 832 4.01 20.99 4.53
N THR A 833 4.65 20.04 5.15
CA THR A 833 4.49 18.60 4.80
C THR A 833 3.93 17.90 6.02
N LEU A 834 2.90 17.07 5.81
CA LEU A 834 2.39 16.19 6.85
C LEU A 834 2.71 14.75 6.41
N LEU A 835 3.56 14.08 7.18
CA LEU A 835 3.91 12.66 6.92
C LEU A 835 3.04 11.79 7.82
N THR A 836 2.68 10.60 7.35
CA THR A 836 1.70 9.73 8.06
C THR A 836 2.31 8.35 8.32
N GLY A 837 1.91 7.77 9.43
CA GLY A 837 2.26 6.37 9.75
C GLY A 837 1.19 5.42 9.30
N GLN A 838 0.24 5.88 8.50
CA GLN A 838 -0.92 5.05 8.10
C GLN A 838 -1.58 5.72 6.91
N PRO A 839 -2.10 4.95 5.96
CA PRO A 839 -2.84 5.51 4.82
C PRO A 839 -4.21 6.01 5.25
N LEU A 840 -4.49 7.28 4.96
CA LEU A 840 -5.82 7.91 5.20
C LEU A 840 -6.21 8.76 3.97
N GLY A 841 -7.45 9.26 3.93
CA GLY A 841 -7.91 10.13 2.87
C GLY A 841 -7.64 11.57 3.21
N GLY A 842 -7.34 12.38 2.22
CA GLY A 842 -7.10 13.80 2.50
C GLY A 842 -7.18 14.70 1.30
N SER A 843 -6.99 16.00 1.55
CA SER A 843 -7.10 17.01 0.49
C SER A 843 -6.44 18.30 0.97
N SER A 844 -6.49 19.28 0.08
CA SER A 844 -6.35 20.72 0.38
C SER A 844 -7.58 21.42 -0.23
N LEU A 845 -8.60 21.77 0.59
CA LEU A 845 -9.89 22.26 0.10
C LEU A 845 -9.89 23.79 0.02
N ALA A 846 -8.79 24.40 0.40
CA ALA A 846 -8.57 25.85 0.27
C ALA A 846 -7.08 26.15 0.31
N SER A 847 -6.70 27.27 -0.29
CA SER A 847 -5.33 27.79 -0.25
C SER A 847 -4.83 27.75 1.20
N GLY A 848 -3.62 27.22 1.43
CA GLY A 848 -2.98 27.19 2.75
C GLY A 848 -3.46 26.07 3.67
N GLU A 849 -4.36 25.18 3.20
CA GLU A 849 -4.88 24.11 4.08
C GLU A 849 -4.33 22.74 3.67
N LEU A 850 -4.26 21.86 4.64
CA LEU A 850 -4.19 20.40 4.43
C LEU A 850 -5.28 19.81 5.31
N GLU A 851 -5.82 18.66 4.95
CA GLU A 851 -6.69 17.96 5.90
C GLU A 851 -6.59 16.47 5.62
N ILE A 852 -6.84 15.70 6.66
CA ILE A 852 -6.69 14.23 6.60
C ILE A 852 -7.75 13.65 7.53
N MET A 853 -8.46 12.66 7.00
CA MET A 853 -9.55 11.99 7.75
C MET A 853 -8.95 11.01 8.76
N GLN A 854 -9.55 10.93 9.96
CA GLN A 854 -9.06 10.14 11.08
C GLN A 854 -9.84 8.84 11.18
N ASP A 855 -11.16 8.93 11.10
CA ASP A 855 -12.05 7.76 11.15
C ASP A 855 -13.40 8.18 10.59
N ARG A 856 -14.24 7.20 10.31
CA ARG A 856 -15.59 7.41 9.75
C ARG A 856 -16.47 6.28 10.22
N ARG A 857 -17.66 6.66 10.66
CA ARG A 857 -18.65 5.71 11.18
C ARG A 857 -19.92 5.93 10.38
N LEU A 858 -20.34 4.94 9.58
CA LEU A 858 -21.45 5.09 8.61
C LEU A 858 -22.52 4.08 8.96
N ALA A 859 -23.75 4.54 9.22
CA ALA A 859 -24.88 3.63 9.58
C ALA A 859 -25.42 2.92 8.35
N SER A 860 -25.23 3.44 7.14
CA SER A 860 -25.88 2.89 5.92
C SER A 860 -24.90 2.18 4.99
N ASP A 861 -25.42 1.23 4.24
CA ASP A 861 -24.72 0.56 3.12
C ASP A 861 -24.69 1.51 1.90
N ASP A 862 -23.60 1.49 1.12
CA ASP A 862 -23.47 2.37 -0.07
C ASP A 862 -23.65 1.55 -1.36
N GLU A 863 -24.25 0.37 -1.30
CA GLU A 863 -24.80 -0.37 -2.49
C GLU A 863 -23.68 -0.79 -3.46
N ARG A 864 -22.53 -1.17 -2.90
CA ARG A 864 -21.41 -1.68 -3.74
C ARG A 864 -21.15 -3.14 -3.39
N GLY A 865 -22.06 -3.75 -2.63
CA GLY A 865 -22.02 -5.21 -2.39
C GLY A 865 -21.69 -5.61 -0.97
N LEU A 866 -21.19 -4.72 -0.14
CA LEU A 866 -20.75 -5.08 1.23
C LEU A 866 -21.96 -5.42 2.12
N GLY A 867 -23.10 -4.77 1.89
CA GLY A 867 -24.34 -5.10 2.60
C GLY A 867 -24.21 -4.77 4.09
N GLN A 868 -23.42 -3.76 4.42
CA GLN A 868 -23.36 -3.19 5.80
C GLN A 868 -22.72 -1.80 5.70
N GLY A 869 -23.02 -0.91 6.64
CA GLY A 869 -22.21 0.30 6.77
C GLY A 869 -20.90 -0.06 7.47
N VAL A 870 -20.37 0.91 8.20
CA VAL A 870 -19.14 0.81 9.03
C VAL A 870 -19.50 1.25 10.46
N LEU A 871 -19.83 0.26 11.29
CA LEU A 871 -20.22 0.47 12.71
C LEU A 871 -19.36 -0.40 13.63
N ASP A 872 -18.15 -0.78 13.17
CA ASP A 872 -17.23 -1.64 13.94
C ASP A 872 -15.93 -0.91 14.25
N ASN A 873 -16.00 0.42 14.32
CA ASN A 873 -14.83 1.22 14.70
C ASN A 873 -14.28 0.77 16.06
N LYS A 874 -12.99 0.98 16.22
CA LYS A 874 -12.33 0.86 17.53
C LYS A 874 -11.20 1.86 17.63
N PRO A 875 -10.77 2.14 18.86
CA PRO A 875 -9.73 3.16 19.08
C PRO A 875 -8.45 2.81 18.32
N VAL A 876 -7.87 3.84 17.70
CA VAL A 876 -6.66 3.67 16.86
C VAL A 876 -5.73 4.83 17.21
N LEU A 877 -4.45 4.54 17.29
CA LEU A 877 -3.43 5.57 17.52
C LEU A 877 -2.83 5.96 16.18
N HIS A 878 -3.18 7.15 15.69
CA HIS A 878 -2.60 7.60 14.40
C HIS A 878 -1.35 8.42 14.69
N ILE A 879 -0.34 8.31 13.83
CA ILE A 879 0.95 9.02 14.07
C ILE A 879 1.37 9.79 12.83
N TYR A 880 1.94 10.97 13.06
CA TYR A 880 2.35 11.91 11.99
C TYR A 880 3.64 12.61 12.38
N ARG A 881 4.28 13.17 11.36
CA ARG A 881 5.30 14.23 11.57
C ARG A 881 4.85 15.46 10.80
N LEU A 882 5.14 16.64 11.34
CA LEU A 882 4.74 17.93 10.73
C LEU A 882 6.00 18.76 10.44
N VAL A 883 6.27 18.98 9.17
CA VAL A 883 7.54 19.62 8.70
C VAL A 883 7.21 20.94 7.98
N LEU A 884 7.44 22.05 8.65
CA LEU A 884 7.44 23.40 8.05
C LEU A 884 8.87 23.73 7.65
N GLU A 885 9.05 24.20 6.42
CA GLU A 885 10.36 24.46 5.82
C GLU A 885 10.33 25.71 4.97
N LYS A 886 11.48 26.36 4.92
CA LYS A 886 11.74 27.40 3.88
C LYS A 886 12.31 26.72 2.63
N VAL A 887 11.69 26.99 1.48
CA VAL A 887 12.08 26.29 0.22
C VAL A 887 12.53 27.32 -0.83
N ASN A 888 12.66 28.61 -0.49
CA ASN A 888 13.07 29.61 -1.51
C ASN A 888 14.50 29.34 -2.00
N ASN A 889 15.34 28.56 -1.31
CA ASN A 889 16.73 28.25 -1.73
C ASN A 889 16.80 26.80 -2.23
N CYS A 890 15.66 26.19 -2.48
CA CYS A 890 15.59 24.82 -3.03
C CYS A 890 15.39 24.88 -4.55
N VAL A 891 15.97 23.93 -5.25
CA VAL A 891 15.76 23.79 -6.72
C VAL A 891 14.47 23.00 -6.88
N ARG A 892 13.41 23.67 -7.27
CA ARG A 892 12.10 23.02 -7.44
C ARG A 892 11.86 22.71 -8.91
N PRO A 893 11.03 21.70 -9.19
CA PRO A 893 10.62 21.45 -10.57
C PRO A 893 9.94 22.68 -11.18
N SER A 894 9.96 22.81 -12.51
CA SER A 894 9.15 23.83 -13.21
C SER A 894 7.67 23.62 -12.89
N GLU A 895 6.87 24.68 -13.00
CA GLU A 895 5.45 24.62 -12.64
C GLU A 895 4.70 23.72 -13.61
N LEU A 896 5.32 23.26 -14.72
CA LEU A 896 4.67 22.29 -15.64
C LEU A 896 4.94 20.86 -15.18
N HIS A 897 5.87 20.63 -14.24
CA HIS A 897 6.26 19.25 -13.87
C HIS A 897 5.10 18.63 -13.07
N PRO A 898 4.65 17.41 -13.38
CA PRO A 898 3.52 16.81 -12.64
C PRO A 898 3.91 16.17 -11.31
N ALA A 899 5.19 16.15 -10.95
CA ALA A 899 5.71 15.56 -9.68
C ALA A 899 6.13 16.64 -8.69
N GLY A 900 6.17 16.25 -7.42
CA GLY A 900 6.87 16.97 -6.35
C GLY A 900 7.86 16.06 -5.63
N TYR A 901 8.83 16.62 -4.94
CA TYR A 901 9.86 15.87 -4.21
C TYR A 901 9.98 16.35 -2.77
N LEU A 902 10.17 15.42 -1.85
CA LEU A 902 10.42 15.79 -0.45
C LEU A 902 11.81 16.40 -0.33
N THR A 903 11.98 17.21 0.72
CA THR A 903 13.29 17.58 1.28
C THR A 903 13.92 16.44 2.08
N SER A 904 15.23 16.54 2.35
CA SER A 904 15.93 15.67 3.33
C SER A 904 15.13 15.56 4.63
N ALA A 905 14.72 16.68 5.22
CA ALA A 905 14.02 16.68 6.52
C ALA A 905 12.72 15.89 6.45
N ALA A 906 11.95 16.07 5.37
CA ALA A 906 10.61 15.45 5.30
C ALA A 906 10.80 13.96 5.02
N HIS A 907 11.73 13.58 4.18
CA HIS A 907 12.02 12.15 3.89
C HIS A 907 12.45 11.45 5.17
N LYS A 908 13.39 12.04 5.92
CA LYS A 908 13.80 11.40 7.20
C LYS A 908 12.62 11.32 8.16
N ALA A 909 11.79 12.34 8.20
CA ALA A 909 10.61 12.31 9.08
C ALA A 909 9.73 11.10 8.70
N SER A 910 9.51 10.88 7.41
CA SER A 910 8.70 9.74 6.96
C SER A 910 9.39 8.43 7.37
N GLN A 911 10.70 8.34 7.19
CA GLN A 911 11.47 7.12 7.60
C GLN A 911 11.32 6.91 9.10
N SER A 912 11.30 7.97 9.90
CA SER A 912 11.12 7.88 11.37
C SER A 912 9.78 7.25 11.72
N LEU A 913 8.76 7.50 10.93
CA LEU A 913 7.40 6.95 11.14
C LEU A 913 7.35 5.50 10.71
N LEU A 914 7.79 5.23 9.48
CA LEU A 914 7.57 3.90 8.87
C LEU A 914 8.63 2.90 9.30
N ASP A 915 9.89 3.32 9.60
CA ASP A 915 10.95 2.35 9.95
C ASP A 915 11.73 2.89 11.13
N PRO A 916 11.07 3.01 12.31
CA PRO A 916 11.74 3.45 13.53
C PRO A 916 12.80 2.43 13.98
N LEU A 917 13.62 2.82 14.94
CA LEU A 917 14.42 1.84 15.70
C LEU A 917 13.49 0.80 16.33
N ASP A 918 13.89 -0.45 16.25
CA ASP A 918 13.24 -1.54 17.01
C ASP A 918 13.90 -1.57 18.40
N LYS A 919 13.15 -1.99 19.40
CA LYS A 919 13.63 -2.05 20.82
C LYS A 919 13.41 -3.44 21.39
N PHE A 920 14.46 -3.97 22.04
CA PHE A 920 14.47 -5.34 22.61
C PHE A 920 14.87 -5.22 24.07
N ILE A 921 14.12 -5.90 24.96
CA ILE A 921 14.46 -5.98 26.41
C ILE A 921 14.99 -7.38 26.67
N PHE A 922 16.19 -7.52 27.23
CA PHE A 922 16.78 -8.86 27.55
C PHE A 922 15.90 -9.51 28.62
N ALA A 923 15.55 -10.79 28.46
CA ALA A 923 14.50 -11.40 29.30
C ALA A 923 15.15 -11.89 30.60
N GLU A 924 16.35 -12.44 30.54
CA GLU A 924 16.95 -13.12 31.73
C GLU A 924 17.79 -12.11 32.50
N ASN A 925 18.34 -12.54 33.63
CA ASN A 925 19.02 -11.64 34.60
C ASN A 925 20.46 -11.39 34.12
N GLU A 926 21.09 -12.34 33.42
CA GLU A 926 22.52 -12.20 33.05
C GLU A 926 22.69 -12.55 31.56
N TRP A 927 23.56 -11.79 30.90
CA TRP A 927 23.89 -11.99 29.45
C TRP A 927 25.41 -12.18 29.30
N ILE A 928 25.85 -13.39 29.52
CA ILE A 928 27.29 -13.72 29.34
C ILE A 928 27.61 -13.70 27.85
N GLY A 929 28.67 -12.99 27.47
CA GLY A 929 29.14 -12.91 26.07
C GLY A 929 28.45 -11.82 25.29
N ALA A 930 27.76 -10.90 25.97
CA ALA A 930 27.05 -9.75 25.36
C ALA A 930 28.05 -8.87 24.63
N GLN A 931 27.71 -8.44 23.42
CA GLN A 931 28.51 -7.48 22.61
C GLN A 931 27.72 -6.17 22.65
N GLY A 932 28.40 -5.06 22.50
CA GLY A 932 27.79 -3.73 22.61
C GLY A 932 27.19 -3.30 21.29
N GLN A 933 27.64 -3.91 20.19
CA GLN A 933 27.35 -3.36 18.85
C GLN A 933 27.36 -4.46 17.80
N PHE A 934 26.49 -4.32 16.80
CA PHE A 934 26.64 -5.09 15.55
C PHE A 934 26.51 -4.12 14.38
N GLY A 935 27.36 -4.25 13.35
CA GLY A 935 27.31 -3.49 12.10
C GLY A 935 28.02 -2.15 12.15
N GLY A 936 28.95 -1.97 13.09
CA GLY A 936 29.70 -0.70 13.16
C GLY A 936 30.59 -0.51 11.95
N ASP A 937 30.91 -1.58 11.21
CA ASP A 937 31.72 -1.55 9.97
C ASP A 937 30.82 -1.44 8.73
N HIS A 938 29.49 -1.48 8.87
CA HIS A 938 28.59 -1.35 7.70
C HIS A 938 28.75 0.04 7.11
N PRO A 939 28.66 0.17 5.78
CA PRO A 939 28.70 1.49 5.15
C PRO A 939 27.44 2.29 5.44
N SER A 940 27.63 3.58 5.71
CA SER A 940 26.55 4.57 5.95
C SER A 940 26.26 5.25 4.61
N ALA A 941 25.25 4.72 3.91
CA ALA A 941 24.88 5.11 2.54
C ALA A 941 24.29 6.52 2.52
N ARG A 942 24.34 7.12 1.33
CA ARG A 942 23.71 8.45 1.10
C ARG A 942 22.24 8.42 1.54
N GLU A 943 21.75 9.54 2.07
CA GLU A 943 20.43 9.63 2.75
C GLU A 943 19.28 9.28 1.78
N ASP A 944 19.48 9.39 0.46
CA ASP A 944 18.38 9.17 -0.51
C ASP A 944 18.34 7.67 -0.87
N LEU A 945 19.20 6.84 -0.30
CA LEU A 945 19.28 5.41 -0.65
C LEU A 945 18.77 4.59 0.52
N ASP A 946 17.96 3.57 0.24
CA ASP A 946 17.42 2.65 1.25
C ASP A 946 17.66 1.25 0.75
N VAL A 947 17.91 0.36 1.70
CA VAL A 947 17.88 -1.11 1.48
C VAL A 947 16.48 -1.53 1.90
N SER A 948 15.54 -1.40 0.98
CA SER A 948 14.12 -1.66 1.23
C SER A 948 13.92 -3.09 1.70
N VAL A 949 14.64 -4.00 1.08
CA VAL A 949 14.54 -5.48 1.32
C VAL A 949 15.95 -6.06 1.46
N MET A 950 16.18 -6.82 2.54
CA MET A 950 17.28 -7.79 2.58
C MET A 950 16.62 -9.13 2.96
N ARG A 951 16.86 -10.18 2.18
CA ARG A 951 16.14 -11.45 2.33
C ARG A 951 17.03 -12.57 1.89
N ARG A 952 17.39 -13.43 2.84
CA ARG A 952 18.07 -14.69 2.47
C ARG A 952 17.08 -15.57 1.67
N LEU A 953 17.51 -16.05 0.51
CA LEU A 953 16.63 -16.70 -0.48
C LEU A 953 16.80 -18.21 -0.39
N THR A 954 17.81 -18.67 0.34
CA THR A 954 18.15 -20.13 0.41
C THR A 954 18.07 -20.65 1.84
N LYS A 955 17.64 -21.90 2.00
CA LYS A 955 17.64 -22.58 3.32
C LYS A 955 19.06 -23.11 3.59
N SER A 956 19.36 -23.52 4.82
CA SER A 956 20.71 -23.85 5.26
C SER A 956 21.28 -25.03 4.45
N SER A 957 20.42 -25.87 3.90
CA SER A 957 20.84 -27.09 3.15
C SER A 957 21.47 -26.68 1.81
N ALA A 958 21.22 -25.46 1.29
CA ALA A 958 21.74 -25.07 -0.05
C ALA A 958 23.28 -24.94 0.07
N LYS A 959 24.03 -25.61 -0.81
CA LYS A 959 25.51 -25.50 -0.81
C LYS A 959 25.92 -24.08 -1.25
N THR A 960 25.20 -23.42 -2.16
CA THR A 960 25.40 -21.98 -2.49
C THR A 960 24.30 -21.13 -1.82
N GLN A 961 24.67 -20.27 -0.93
CA GLN A 961 23.69 -19.40 -0.22
C GLN A 961 23.43 -18.18 -1.10
N ARG A 962 22.18 -17.70 -1.13
CA ARG A 962 21.86 -16.50 -1.94
CA ARG A 962 21.86 -16.50 -1.94
C ARG A 962 21.09 -15.50 -1.06
N VAL A 963 21.45 -14.24 -1.19
CA VAL A 963 20.74 -13.17 -0.43
C VAL A 963 20.31 -12.11 -1.43
N GLY A 964 19.04 -11.72 -1.34
CA GLY A 964 18.45 -10.68 -2.20
C GLY A 964 18.32 -9.36 -1.52
N TYR A 965 18.61 -8.30 -2.25
CA TYR A 965 18.51 -6.92 -1.74
C TYR A 965 17.66 -6.14 -2.75
N VAL A 966 16.78 -5.28 -2.24
CA VAL A 966 16.10 -4.27 -3.04
C VAL A 966 16.61 -2.95 -2.56
N LEU A 967 17.21 -2.19 -3.48
CA LEU A 967 17.76 -0.84 -3.25
C LEU A 967 16.85 0.15 -3.91
N HIS A 968 16.39 1.11 -3.12
CA HIS A 968 15.54 2.19 -3.65
C HIS A 968 16.25 3.52 -3.46
N ARG A 969 16.38 4.27 -4.53
CA ARG A 969 16.88 5.64 -4.41
C ARG A 969 15.76 6.62 -4.71
N THR A 970 15.40 7.43 -3.74
CA THR A 970 14.39 8.48 -3.92
C THR A 970 15.05 9.66 -4.60
N ASN A 971 14.31 10.74 -4.72
CA ASN A 971 14.89 12.01 -5.21
C ASN A 971 14.50 13.06 -4.20
N LEU A 972 15.50 13.75 -3.65
CA LEU A 972 15.27 14.77 -2.62
C LEU A 972 15.54 16.12 -3.26
N MET A 973 14.78 17.11 -2.85
CA MET A 973 15.01 18.49 -3.33
C MET A 973 16.40 18.93 -2.86
N GLN A 974 17.12 19.64 -3.73
CA GLN A 974 18.48 20.16 -3.42
C GLN A 974 18.30 21.58 -2.91
N CYS A 975 18.71 21.81 -1.66
CA CYS A 975 18.43 23.08 -0.94
C CYS A 975 19.74 23.72 -0.47
N GLY A 976 20.90 23.17 -0.84
CA GLY A 976 22.22 23.74 -0.50
C GLY A 976 22.65 23.39 0.90
N THR A 977 21.98 22.42 1.54
CA THR A 977 22.38 21.81 2.84
C THR A 977 23.74 21.14 2.67
N THR A 982 29.62 10.17 3.71
CA THR A 982 28.87 8.92 3.40
C THR A 982 29.79 7.95 2.66
N GLN A 983 29.47 6.65 2.76
CA GLN A 983 30.24 5.58 2.08
C GLN A 983 29.37 5.00 0.97
N LYS A 984 30.05 4.49 -0.06
CA LYS A 984 29.46 3.65 -1.13
C LYS A 984 28.93 2.37 -0.48
N LEU A 985 27.68 2.03 -0.77
CA LEU A 985 27.09 0.75 -0.34
C LEU A 985 27.18 -0.23 -1.51
N ASP A 986 27.87 -1.33 -1.28
CA ASP A 986 27.95 -2.49 -2.17
C ASP A 986 27.30 -3.67 -1.44
N VAL A 987 26.05 -3.97 -1.71
CA VAL A 987 25.31 -5.01 -0.91
C VAL A 987 25.90 -6.38 -1.19
N CYS A 988 26.50 -6.59 -2.37
CA CYS A 988 27.02 -7.92 -2.72
C CYS A 988 28.22 -8.27 -1.79
N HIS A 989 28.79 -7.28 -1.12
CA HIS A 989 29.94 -7.47 -0.20
C HIS A 989 29.54 -7.31 1.27
N LEU A 990 28.23 -7.27 1.60
CA LEU A 990 27.80 -7.17 3.01
C LEU A 990 28.10 -8.47 3.73
N LEU A 991 28.09 -9.58 3.00
CA LEU A 991 28.30 -10.92 3.60
C LEU A 991 29.55 -11.52 3.03
N PRO A 992 30.25 -12.38 3.79
CA PRO A 992 31.54 -12.88 3.31
C PRO A 992 31.41 -14.00 2.27
N ASN A 993 32.54 -14.33 1.62
CA ASN A 993 32.67 -15.48 0.71
C ASN A 993 31.74 -15.32 -0.49
N VAL A 994 31.64 -14.11 -1.02
CA VAL A 994 30.80 -13.82 -2.22
C VAL A 994 31.40 -14.57 -3.41
N ALA A 995 30.59 -15.37 -4.11
CA ALA A 995 30.99 -16.08 -5.34
C ALA A 995 30.44 -15.35 -6.59
N ARG A 996 29.36 -14.59 -6.46
CA ARG A 996 28.65 -14.02 -7.64
C ARG A 996 27.75 -12.89 -7.17
N CYS A 997 27.61 -11.85 -7.98
CA CYS A 997 26.67 -10.72 -7.77
C CYS A 997 25.88 -10.49 -9.05
N GLU A 998 24.54 -10.59 -9.01
CA GLU A 998 23.66 -10.43 -10.20
C GLU A 998 22.69 -9.27 -9.93
N ARG A 999 22.48 -8.42 -10.92
CA ARG A 999 21.32 -7.52 -10.90
C ARG A 999 20.13 -8.35 -11.38
N THR A 1000 18.99 -8.28 -10.70
CA THR A 1000 17.83 -9.14 -11.01
C THR A 1000 16.58 -8.29 -11.12
N THR A 1001 15.52 -8.89 -11.64
CA THR A 1001 14.15 -8.32 -11.47
C THR A 1001 13.87 -8.14 -9.98
N LEU A 1002 12.92 -7.27 -9.65
CA LEU A 1002 12.65 -6.92 -8.24
C LEU A 1002 12.11 -8.12 -7.44
N THR A 1003 11.57 -9.12 -8.08
CA THR A 1003 11.10 -10.38 -7.44
C THR A 1003 12.26 -11.38 -7.19
N PHE A 1004 13.46 -11.08 -7.68
CA PHE A 1004 14.71 -11.88 -7.59
C PHE A 1004 14.64 -13.07 -8.58
N LEU A 1005 13.71 -13.12 -9.52
CA LEU A 1005 13.48 -14.41 -10.24
C LEU A 1005 14.27 -14.49 -11.55
N GLN A 1006 14.78 -13.38 -12.07
CA GLN A 1006 15.52 -13.35 -13.35
C GLN A 1006 16.76 -12.48 -13.19
N ASN A 1007 17.90 -13.04 -13.64
CA ASN A 1007 19.20 -12.36 -13.72
C ASN A 1007 19.16 -11.42 -14.92
N LEU A 1008 19.44 -10.14 -14.72
CA LEU A 1008 19.45 -9.13 -15.79
C LEU A 1008 20.89 -8.80 -16.18
N GLU A 1009 21.85 -8.93 -15.25
CA GLU A 1009 23.25 -8.46 -15.43
C GLU A 1009 24.14 -9.15 -14.38
N HIS A 1010 25.13 -9.93 -14.82
CA HIS A 1010 26.26 -10.41 -13.96
C HIS A 1010 27.20 -9.24 -13.71
N LEU A 1011 27.53 -8.92 -12.44
CA LEU A 1011 28.19 -7.64 -12.12
C LEU A 1011 29.70 -7.82 -12.00
N ASP A 1012 30.45 -6.89 -12.61
CA ASP A 1012 31.94 -6.77 -12.65
C ASP A 1012 32.52 -6.54 -11.25
N GLY A 1013 33.46 -7.38 -10.82
CA GLY A 1013 34.10 -7.31 -9.51
C GLY A 1013 33.11 -7.60 -8.39
N MET A 1014 31.91 -8.09 -8.76
CA MET A 1014 30.80 -8.41 -7.83
C MET A 1014 30.45 -7.20 -6.97
N VAL A 1015 30.44 -6.01 -7.58
CA VAL A 1015 30.02 -4.73 -6.94
C VAL A 1015 28.63 -4.37 -7.49
N ALA A 1016 27.70 -3.98 -6.59
CA ALA A 1016 26.32 -3.54 -6.89
C ALA A 1016 26.28 -2.02 -7.07
N PRO A 1017 26.17 -1.46 -8.32
CA PRO A 1017 26.11 0.00 -8.51
C PRO A 1017 25.12 0.78 -7.60
N VAL A 1019 22.55 3.26 -8.31
CA VAL A 1019 21.15 3.34 -8.82
C VAL A 1019 20.75 4.82 -8.91
N CYS A 1020 19.97 5.19 -9.92
CA CYS A 1020 19.62 6.60 -10.19
C CYS A 1020 18.51 7.05 -9.29
N PRO A 1021 18.37 8.37 -9.10
CA PRO A 1021 17.24 8.90 -8.36
C PRO A 1021 15.92 8.45 -8.99
N MET A 1022 14.98 8.05 -8.11
CA MET A 1022 13.64 7.50 -8.44
C MET A 1022 13.73 6.09 -9.03
N GLU A 1023 14.85 5.43 -8.90
CA GLU A 1023 15.03 4.07 -9.42
C GLU A 1023 15.08 3.08 -8.25
N THR A 1024 14.64 1.86 -8.53
CA THR A 1024 14.63 0.71 -7.63
C THR A 1024 15.33 -0.40 -8.39
N ALA A 1025 16.33 -1.00 -7.77
CA ALA A 1025 17.11 -2.08 -8.36
C ALA A 1025 17.13 -3.23 -7.37
N ALA A 1026 17.28 -4.42 -7.87
CA ALA A 1026 17.44 -5.62 -7.03
C ALA A 1026 18.74 -6.33 -7.40
N TYR A 1027 19.38 -6.90 -6.38
CA TYR A 1027 20.65 -7.66 -6.53
C TYR A 1027 20.55 -8.96 -5.76
N VAL A 1028 21.13 -10.02 -6.29
CA VAL A 1028 21.29 -11.28 -5.52
C VAL A 1028 22.79 -11.56 -5.42
N SER A 1029 23.28 -11.72 -4.20
CA SER A 1029 24.66 -12.15 -3.88
C SER A 1029 24.64 -13.64 -3.60
N SER A 1030 25.56 -14.36 -4.23
CA SER A 1030 25.74 -15.81 -4.00
C SER A 1030 27.05 -16.06 -3.23
N HIS A 1031 27.05 -17.05 -2.34
CA HIS A 1031 28.11 -17.23 -1.30
C HIS A 1031 28.45 -18.71 -1.21
N SER A 1032 29.74 -19.05 -1.01
CA SER A 1032 30.20 -20.44 -0.86
C SER A 1032 30.14 -20.84 0.62
#